data_8I9Q
#
_entry.id   8I9Q
#
_cell.length_a   1.00
_cell.length_b   1.00
_cell.length_c   1.00
_cell.angle_alpha   90.00
_cell.angle_beta   90.00
_cell.angle_gamma   90.00
#
_symmetry.space_group_name_H-M   'P 1'
#
loop_
_entity.id
_entity.type
_entity.pdbx_description
1 polymer 'T-complex protein 1 subunit delta'
2 polymer 'Phosducin-like protein 3'
#
loop_
_entity_poly.entity_id
_entity_poly.type
_entity_poly.pdbx_seq_one_letter_code
_entity_poly.pdbx_strand_id
1 'polypeptide(L)'
;MPENVAPRSGATAGAAGGRGKGAYQDRDKPAQIRFSNISAAKAVADAIRTSLGPKGMDKMIQDGKGDVTITNDGATILKQ
MQVLHPAARMLVELSKAQDIEAGDGTTSVVIIAGSLLDSCTKLLQKGIHPTIISESFQKALEKGIEILTDMSRPVELSDR
ETLLNSATTSLNSKVVSQYSSLLSPMSVNAVMKVIDPATATSVDLRDIKIVKKLGGTIDDCELVEGLVLTQKVSNSGITR
VEKAKIGLIQFCLSAPKTDMDNQIVVSDYAQMDRVLREERAYILNLVKQIKKTGCNVLLIQKSILRDALSDLALHFLNKM
KIMVIKDIEREDIEFICKTIGTKPVAHIDQFTADMLGSAELAEEVNLNGSGKLLKITGCASPGKTVTIVVRGSNKLVIEE
AERSIHDALCVIRCLVKKRALIAGGGAPEIELALRLTEYSRTLSGMESYCVRAFADAMEVIPSTLAENAGLNPISTVTEL
RNRHAQGEKTAGINVRKGGISNILEELVVQPLLVSVSALTLATETVRSILKIDDVVNTR
;
D
2 'polypeptide(L)'
;MQDPNADTEWNDILRKKGILPPKESLKELEEEAEEEQRILQQSVVKTYEDMTLEELEDHEDEFNEEDERAIEMYRRRRLA
EWKATKLKNKFGEVLEISGKDYVQEVTKAGEGLWVILHLYKQGIPLCALINQHLSGLARKFPDVKFIKAISTTCIPNYPD
RNLPTIFVYLEGDIKAQFIGPLVFGGMNLTRDELEWKLSESGAIMTDLEENPKKPIEDVLLSSVRRSVLMKRDSDSEGD
;
Q
#
# COMPACT_ATOMS: atom_id res chain seq x y z
N ASP A 26 44.29 12.64 -5.18
CA ASP A 26 44.45 13.92 -5.85
C ASP A 26 43.34 14.88 -5.46
N ARG A 27 43.17 15.95 -6.24
CA ARG A 27 42.10 16.91 -6.03
C ARG A 27 41.04 16.88 -7.12
N ASP A 28 41.41 16.51 -8.35
CA ASP A 28 40.46 16.52 -9.46
C ASP A 28 39.31 15.55 -9.19
N LYS A 29 39.63 14.30 -8.88
CA LYS A 29 38.58 13.31 -8.61
C LYS A 29 37.74 13.67 -7.38
N PRO A 30 38.32 14.04 -6.23
CA PRO A 30 37.46 14.42 -5.10
C PRO A 30 36.62 15.66 -5.38
N ALA A 31 37.19 16.69 -6.01
CA ALA A 31 36.40 17.87 -6.34
C ALA A 31 35.26 17.51 -7.28
N GLN A 32 35.53 16.66 -8.28
CA GLN A 32 34.50 16.30 -9.24
C GLN A 32 33.38 15.49 -8.58
N ILE A 33 33.73 14.49 -7.77
CA ILE A 33 32.69 13.70 -7.12
C ILE A 33 31.91 14.55 -6.14
N ARG A 34 32.59 15.48 -5.45
CA ARG A 34 31.90 16.37 -4.52
C ARG A 34 30.93 17.28 -5.25
N PHE A 35 31.34 17.81 -6.40
CA PHE A 35 30.46 18.69 -7.16
C PHE A 35 29.28 17.93 -7.75
N SER A 36 29.51 16.69 -8.18
CA SER A 36 28.40 15.89 -8.70
C SER A 36 27.39 15.57 -7.60
N ASN A 37 27.87 15.17 -6.42
CA ASN A 37 26.96 14.93 -5.30
C ASN A 37 26.25 16.22 -4.89
N ILE A 38 26.96 17.34 -4.94
CA ILE A 38 26.36 18.63 -4.61
C ILE A 38 25.22 18.96 -5.56
N SER A 39 25.45 18.75 -6.87
CA SER A 39 24.41 19.01 -7.85
C SER A 39 23.23 18.08 -7.67
N ALA A 40 23.50 16.80 -7.38
CA ALA A 40 22.41 15.85 -7.15
C ALA A 40 21.57 16.25 -5.95
N ALA A 41 22.23 16.60 -4.84
CA ALA A 41 21.50 17.01 -3.64
C ALA A 41 20.71 18.29 -3.89
N LYS A 42 21.31 19.27 -4.58
CA LYS A 42 20.60 20.49 -4.92
C LYS A 42 19.35 20.19 -5.74
N ALA A 43 19.47 19.31 -6.73
CA ALA A 43 18.34 19.00 -7.60
C ALA A 43 17.22 18.32 -6.82
N VAL A 44 17.57 17.30 -6.02
CA VAL A 44 16.54 16.62 -5.24
C VAL A 44 15.93 17.57 -4.22
N ALA A 45 16.68 18.57 -3.76
CA ALA A 45 16.13 19.57 -2.86
C ALA A 45 15.11 20.44 -3.57
N ASP A 46 15.54 21.16 -4.61
CA ASP A 46 14.62 22.06 -5.31
C ASP A 46 13.49 21.31 -6.00
N ALA A 47 13.56 19.98 -6.11
CA ALA A 47 12.45 19.23 -6.67
C ALA A 47 11.18 19.41 -5.83
N ILE A 48 11.32 19.42 -4.50
CA ILE A 48 10.18 19.52 -3.60
C ILE A 48 10.30 20.73 -2.68
N ARG A 49 11.27 21.62 -2.94
CA ARG A 49 11.44 22.82 -2.13
C ARG A 49 10.14 23.62 -2.00
N THR A 50 9.41 23.79 -3.09
CA THR A 50 8.26 24.70 -3.11
C THR A 50 6.96 23.99 -2.72
N SER A 51 6.99 23.29 -1.59
CA SER A 51 5.77 22.73 -1.02
C SER A 51 5.76 22.80 0.51
N LEU A 52 6.57 23.68 1.10
CA LEU A 52 6.71 23.77 2.54
C LEU A 52 5.76 24.82 3.09
N GLY A 53 5.08 24.48 4.19
CA GLY A 53 4.13 25.37 4.81
C GLY A 53 2.71 25.04 4.43
N PRO A 54 1.75 25.71 5.08
CA PRO A 54 0.33 25.43 4.78
C PRO A 54 -0.08 25.84 3.38
N LYS A 55 0.76 26.54 2.63
CA LYS A 55 0.43 27.01 1.28
C LYS A 55 1.30 26.35 0.23
N GLY A 56 1.56 25.05 0.38
CA GLY A 56 2.25 24.32 -0.66
C GLY A 56 1.41 24.25 -1.93
N MET A 57 2.07 24.38 -3.07
CA MET A 57 1.37 24.42 -4.35
C MET A 57 1.08 23.02 -4.87
N ASP A 58 0.21 22.95 -5.86
CA ASP A 58 -0.18 21.68 -6.45
C ASP A 58 0.85 21.20 -7.45
N LYS A 59 1.18 19.92 -7.39
CA LYS A 59 2.13 19.31 -8.30
C LYS A 59 1.60 17.97 -8.79
N MET A 60 1.88 17.66 -10.05
CA MET A 60 1.42 16.43 -10.68
C MET A 60 2.62 15.69 -11.25
N ILE A 61 2.78 14.43 -10.85
CA ILE A 61 3.81 13.56 -11.38
C ILE A 61 3.13 12.36 -12.04
N GLN A 62 3.73 11.89 -13.13
CA GLN A 62 3.23 10.70 -13.89
C GLN A 62 4.26 9.57 -13.76
N ASP A 63 3.80 8.38 -13.34
CA ASP A 63 4.65 7.17 -13.17
C ASP A 63 5.21 6.70 -14.53
N GLY A 64 4.46 6.93 -15.60
CA GLY A 64 4.85 6.49 -16.96
C GLY A 64 4.14 5.19 -17.32
N LYS A 65 3.27 4.77 -16.41
CA LYS A 65 2.36 3.60 -16.56
C LYS A 65 0.92 4.14 -16.59
N GLY A 66 0.70 5.23 -17.33
CA GLY A 66 -0.63 5.87 -17.50
C GLY A 66 -1.33 6.28 -16.22
N ASP A 67 -0.65 6.98 -15.31
CA ASP A 67 -1.31 7.43 -14.05
C ASP A 67 -0.71 8.74 -13.53
N VAL A 68 -1.56 9.73 -13.20
CA VAL A 68 -1.11 11.00 -12.66
C VAL A 68 -1.73 11.20 -11.29
N THR A 69 -0.97 11.86 -10.40
CA THR A 69 -1.39 12.11 -9.04
C THR A 69 -1.19 13.58 -8.70
N ILE A 70 -2.04 14.09 -7.81
CA ILE A 70 -1.98 15.47 -7.36
C ILE A 70 -1.81 15.46 -5.84
N THR A 71 -0.71 16.02 -5.36
CA THR A 71 -0.43 16.05 -3.93
C THR A 71 0.53 17.18 -3.63
N ASN A 72 0.63 17.53 -2.35
CA ASN A 72 1.47 18.63 -1.89
C ASN A 72 2.20 18.26 -0.61
N ASP A 73 2.73 17.04 -0.54
CA ASP A 73 3.51 16.58 0.60
C ASP A 73 4.82 15.99 0.11
N GLY A 74 5.92 16.38 0.75
CA GLY A 74 7.24 16.01 0.25
C GLY A 74 7.66 14.59 0.54
N ALA A 75 7.20 14.02 1.66
CA ALA A 75 7.69 12.72 2.08
C ALA A 75 7.36 11.64 1.06
N THR A 76 6.08 11.49 0.74
CA THR A 76 5.67 10.44 -0.19
C THR A 76 6.26 10.66 -1.58
N ILE A 77 6.32 11.92 -2.02
CA ILE A 77 6.87 12.22 -3.34
C ILE A 77 8.34 11.80 -3.41
N LEU A 78 9.12 12.16 -2.38
CA LEU A 78 10.51 11.74 -2.32
C LEU A 78 10.64 10.23 -2.24
N LYS A 79 9.68 9.56 -1.57
CA LYS A 79 9.78 8.12 -1.39
C LYS A 79 9.44 7.37 -2.67
N GLN A 80 8.55 7.91 -3.50
CA GLN A 80 8.07 7.16 -4.66
C GLN A 80 9.13 7.03 -5.75
N MET A 81 10.02 8.01 -5.88
CA MET A 81 10.98 8.00 -6.98
C MET A 81 12.35 8.42 -6.47
N GLN A 82 13.38 7.92 -7.14
CA GLN A 82 14.76 8.18 -6.73
C GLN A 82 15.68 7.85 -7.90
N VAL A 83 16.87 8.43 -7.85
CA VAL A 83 17.92 8.17 -8.84
C VAL A 83 18.92 7.22 -8.22
N LEU A 84 19.49 6.34 -9.05
CA LEU A 84 20.44 5.35 -8.56
C LEU A 84 21.77 6.01 -8.23
N HIS A 85 21.78 6.87 -7.22
CA HIS A 85 22.95 7.59 -6.80
C HIS A 85 22.94 7.66 -5.28
N PRO A 86 24.07 7.40 -4.62
CA PRO A 86 24.08 7.38 -3.15
C PRO A 86 23.70 8.71 -2.52
N ALA A 87 24.06 9.83 -3.15
CA ALA A 87 23.75 11.14 -2.59
C ALA A 87 22.25 11.31 -2.38
N ALA A 88 21.44 10.76 -3.27
CA ALA A 88 20.00 10.79 -3.07
C ALA A 88 19.59 9.87 -1.93
N ARG A 89 20.25 8.72 -1.79
CA ARG A 89 19.90 7.76 -0.75
C ARG A 89 20.14 8.36 0.63
N MET A 90 21.22 9.14 0.78
CA MET A 90 21.46 9.79 2.07
C MET A 90 20.32 10.73 2.44
N LEU A 91 19.82 11.50 1.49
CA LEU A 91 18.72 12.41 1.78
C LEU A 91 17.43 11.65 2.07
N VAL A 92 17.20 10.54 1.36
CA VAL A 92 16.01 9.73 1.63
C VAL A 92 16.06 9.17 3.04
N GLU A 93 17.19 8.60 3.44
CA GLU A 93 17.27 8.05 4.79
C GLU A 93 17.23 9.15 5.85
N LEU A 94 17.76 10.33 5.54
CA LEU A 94 17.65 11.45 6.47
C LEU A 94 16.19 11.84 6.68
N SER A 95 15.44 11.93 5.57
CA SER A 95 14.03 12.29 5.67
C SER A 95 13.24 11.23 6.45
N LYS A 96 13.51 9.95 6.19
CA LYS A 96 12.78 8.90 6.91
C LYS A 96 13.16 8.86 8.38
N ALA A 97 14.42 9.15 8.71
CA ALA A 97 14.83 9.21 10.11
C ALA A 97 14.14 10.37 10.83
N GLN A 98 14.10 11.54 10.19
CA GLN A 98 13.37 12.66 10.77
C GLN A 98 11.88 12.35 10.91
N ASP A 99 11.32 11.59 9.97
CA ASP A 99 9.91 11.24 10.03
C ASP A 99 9.62 10.33 11.21
N ILE A 100 10.38 9.25 11.36
CA ILE A 100 10.16 8.34 12.48
C ILE A 100 10.55 8.99 13.81
N GLU A 101 11.43 9.98 13.79
CA GLU A 101 11.93 10.56 15.03
C GLU A 101 10.91 11.52 15.65
N ALA A 102 10.43 12.49 14.88
CA ALA A 102 9.53 13.51 15.39
C ALA A 102 8.14 13.48 14.77
N GLY A 103 8.03 13.18 13.48
CA GLY A 103 6.75 13.08 12.82
C GLY A 103 6.30 14.33 12.09
N ASP A 104 7.16 15.33 11.94
CA ASP A 104 6.81 16.55 11.21
C ASP A 104 8.10 17.24 10.78
N GLY A 105 7.94 18.27 9.96
CA GLY A 105 9.08 19.00 9.45
C GLY A 105 10.01 18.17 8.60
N THR A 106 9.47 17.18 7.89
CA THR A 106 10.28 16.33 7.02
C THR A 106 10.70 17.01 5.73
N THR A 107 10.19 18.21 5.46
CA THR A 107 10.56 18.95 4.27
C THR A 107 11.45 20.14 4.55
N SER A 108 11.53 20.60 5.80
CA SER A 108 12.44 21.69 6.14
C SER A 108 13.86 21.20 6.38
N VAL A 109 14.00 19.95 6.84
CA VAL A 109 15.32 19.39 7.08
C VAL A 109 16.15 19.36 5.79
N VAL A 110 15.53 18.94 4.70
CA VAL A 110 16.25 18.89 3.43
C VAL A 110 16.55 20.29 2.93
N ILE A 111 15.68 21.26 3.24
CA ILE A 111 15.96 22.64 2.86
C ILE A 111 17.18 23.17 3.59
N ILE A 112 17.27 22.91 4.90
CA ILE A 112 18.43 23.33 5.66
C ILE A 112 19.68 22.63 5.16
N ALA A 113 19.58 21.34 4.85
CA ALA A 113 20.72 20.61 4.31
C ALA A 113 21.18 21.20 2.99
N GLY A 114 20.23 21.54 2.11
CA GLY A 114 20.60 22.14 0.84
C GLY A 114 21.23 23.51 0.99
N SER A 115 20.73 24.31 1.93
CA SER A 115 21.34 25.61 2.18
C SER A 115 22.77 25.45 2.70
N LEU A 116 22.98 24.51 3.62
CA LEU A 116 24.32 24.26 4.12
C LEU A 116 25.25 23.79 3.01
N LEU A 117 24.74 22.94 2.10
CA LEU A 117 25.54 22.49 0.98
C LEU A 117 25.90 23.65 0.05
N ASP A 118 24.92 24.48 -0.29
CA ASP A 118 25.19 25.64 -1.15
C ASP A 118 26.20 26.57 -0.52
N SER A 119 26.20 26.69 0.81
CA SER A 119 27.20 27.51 1.47
C SER A 119 28.58 26.86 1.40
N CYS A 120 28.67 25.56 1.72
CA CYS A 120 29.98 24.94 1.76
C CYS A 120 30.60 24.79 0.38
N THR A 121 29.80 24.85 -0.69
CA THR A 121 30.39 24.93 -2.03
C THR A 121 31.37 26.09 -2.13
N LYS A 122 30.87 27.32 -1.91
CA LYS A 122 31.76 28.48 -1.97
C LYS A 122 32.76 28.48 -0.83
N LEU A 123 32.42 27.83 0.29
CA LEU A 123 33.35 27.77 1.41
C LEU A 123 34.60 26.96 1.04
N LEU A 124 34.40 25.81 0.41
CA LEU A 124 35.55 25.03 -0.06
C LEU A 124 36.20 25.69 -1.27
N GLN A 125 35.41 26.44 -2.07
CA GLN A 125 36.00 27.25 -3.12
C GLN A 125 37.01 28.24 -2.55
N LYS A 126 36.72 28.77 -1.35
CA LYS A 126 37.69 29.62 -0.66
C LYS A 126 38.96 28.87 -0.30
N GLY A 127 38.91 27.54 -0.23
CA GLY A 127 40.09 26.75 0.06
C GLY A 127 40.29 26.45 1.53
N ILE A 128 39.28 25.89 2.17
CA ILE A 128 39.32 25.56 3.59
C ILE A 128 39.36 24.04 3.74
N HIS A 129 40.15 23.57 4.70
CA HIS A 129 40.26 22.14 4.94
C HIS A 129 38.96 21.62 5.55
N PRO A 130 38.55 20.39 5.21
CA PRO A 130 37.30 19.85 5.79
C PRO A 130 37.33 19.76 7.30
N THR A 131 38.50 19.56 7.91
CA THR A 131 38.58 19.47 9.36
C THR A 131 38.17 20.77 10.01
N ILE A 132 38.69 21.90 9.49
CA ILE A 132 38.35 23.21 10.04
C ILE A 132 36.85 23.46 9.94
N ILE A 133 36.28 23.17 8.77
CA ILE A 133 34.85 23.39 8.56
C ILE A 133 34.04 22.50 9.51
N SER A 134 34.47 21.26 9.70
CA SER A 134 33.75 20.33 10.57
C SER A 134 33.74 20.83 12.01
N GLU A 135 34.91 21.18 12.54
CA GLU A 135 34.97 21.61 13.94
C GLU A 135 34.28 22.97 14.12
N SER A 136 34.36 23.85 13.12
CA SER A 136 33.66 25.13 13.22
C SER A 136 32.15 24.94 13.20
N PHE A 137 31.65 24.03 12.36
CA PHE A 137 30.23 23.71 12.38
C PHE A 137 29.82 23.09 13.71
N GLN A 138 30.71 22.28 14.31
CA GLN A 138 30.41 21.71 15.62
C GLN A 138 30.26 22.80 16.67
N LYS A 139 31.19 23.76 16.68
CA LYS A 139 31.10 24.87 17.63
C LYS A 139 29.84 25.71 17.39
N ALA A 140 29.55 26.00 16.12
CA ALA A 140 28.35 26.78 15.81
C ALA A 140 27.09 26.04 16.23
N LEU A 141 27.07 24.71 16.09
CA LEU A 141 25.93 23.93 16.52
C LEU A 141 25.78 23.95 18.04
N GLU A 142 26.91 23.81 18.75
CA GLU A 142 26.86 23.88 20.22
C GLU A 142 26.38 25.24 20.69
N LYS A 143 26.70 26.30 19.95
CA LYS A 143 26.19 27.62 20.30
C LYS A 143 24.71 27.75 20.00
N GLY A 144 24.29 27.32 18.80
CA GLY A 144 22.91 27.49 18.39
C GLY A 144 21.93 26.65 19.19
N ILE A 145 22.34 25.45 19.60
CA ILE A 145 21.50 24.63 20.45
C ILE A 145 21.23 25.36 21.77
N GLU A 146 22.27 25.94 22.36
CA GLU A 146 22.10 26.70 23.58
C GLU A 146 21.17 27.90 23.36
N ILE A 147 21.38 28.62 22.25
CA ILE A 147 20.51 29.76 21.94
C ILE A 147 19.06 29.32 21.84
N LEU A 148 18.82 28.18 21.19
CA LEU A 148 17.45 27.72 21.00
C LEU A 148 16.81 27.30 22.32
N THR A 149 17.54 26.52 23.13
CA THR A 149 17.00 26.13 24.43
C THR A 149 16.76 27.33 25.33
N ASP A 150 17.55 28.38 25.21
CA ASP A 150 17.31 29.58 26.00
C ASP A 150 16.17 30.41 25.44
N MET A 151 15.91 30.32 24.14
CA MET A 151 14.84 31.13 23.53
C MET A 151 13.47 30.60 23.91
N SER A 152 13.30 29.29 23.90
CA SER A 152 11.98 28.69 24.11
C SER A 152 11.53 28.91 25.55
N ARG A 153 10.23 28.71 25.77
CA ARG A 153 9.62 28.81 27.08
C ARG A 153 9.06 27.47 27.51
N PRO A 154 9.15 27.12 28.78
CA PRO A 154 8.69 25.81 29.25
C PRO A 154 7.24 25.81 29.69
N VAL A 155 6.65 24.61 29.66
CA VAL A 155 5.30 24.38 30.15
C VAL A 155 5.29 23.08 30.96
N GLU A 156 4.18 22.85 31.64
CA GLU A 156 4.02 21.72 32.55
C GLU A 156 3.33 20.55 31.85
N LEU A 157 3.61 19.34 32.33
CA LEU A 157 3.10 18.13 31.72
C LEU A 157 2.66 17.08 32.74
N SER A 158 2.62 17.40 34.02
CA SER A 158 2.48 16.37 35.05
C SER A 158 1.07 15.78 35.07
N ASP A 159 0.08 16.58 35.42
CA ASP A 159 -1.25 16.05 35.70
C ASP A 159 -2.12 16.06 34.45
N ARG A 160 -3.40 15.72 34.63
CA ARG A 160 -4.34 15.69 33.50
C ARG A 160 -4.61 17.09 32.96
N GLU A 161 -4.63 18.11 33.82
CA GLU A 161 -4.97 19.46 33.38
C GLU A 161 -3.86 20.06 32.53
N THR A 162 -2.61 19.90 32.97
CA THR A 162 -1.48 20.39 32.18
C THR A 162 -1.49 19.78 30.78
N LEU A 163 -1.61 18.45 30.70
CA LEU A 163 -1.58 17.79 29.40
C LEU A 163 -2.81 18.15 28.57
N LEU A 164 -3.97 18.33 29.23
CA LEU A 164 -5.18 18.68 28.48
C LEU A 164 -5.09 20.08 27.90
N ASN A 165 -4.58 21.05 28.66
CA ASN A 165 -4.44 22.40 28.11
C ASN A 165 -3.35 22.46 27.05
N SER A 166 -2.27 21.69 27.23
CA SER A 166 -1.26 21.60 26.17
C SER A 166 -1.85 20.99 24.91
N ALA A 167 -2.74 20.00 25.06
CA ALA A 167 -3.39 19.39 23.91
C ALA A 167 -4.34 20.37 23.22
N THR A 168 -5.04 21.20 24.00
CA THR A 168 -5.89 22.22 23.40
C THR A 168 -5.05 23.23 22.63
N THR A 169 -3.92 23.64 23.20
CA THR A 169 -3.01 24.54 22.48
C THR A 169 -2.51 23.89 21.20
N SER A 170 -2.20 22.60 21.25
CA SER A 170 -1.76 21.89 20.06
C SER A 170 -2.84 21.87 19.00
N LEU A 171 -4.07 21.52 19.39
CA LEU A 171 -5.14 21.36 18.41
C LEU A 171 -5.59 22.69 17.83
N ASN A 172 -5.48 23.79 18.59
CA ASN A 172 -5.78 25.08 17.99
C ASN A 172 -4.60 25.60 17.17
N SER A 173 -3.38 25.14 17.48
CA SER A 173 -2.23 25.36 16.62
C SER A 173 -2.07 24.27 15.59
N LYS A 174 -3.00 23.32 15.52
CA LYS A 174 -2.94 22.20 14.59
C LYS A 174 -3.45 22.64 13.22
N VAL A 175 -3.65 21.67 12.33
CA VAL A 175 -4.38 21.93 11.10
C VAL A 175 -5.81 22.33 11.47
N VAL A 176 -6.46 23.07 10.56
CA VAL A 176 -7.82 23.52 10.78
C VAL A 176 -8.69 22.36 11.24
N SER A 177 -9.41 22.57 12.34
CA SER A 177 -10.14 21.52 13.03
C SER A 177 -11.65 21.68 12.86
N GLN A 178 -12.09 22.04 11.65
CA GLN A 178 -13.50 22.24 11.39
C GLN A 178 -14.32 20.97 11.60
N TYR A 179 -13.69 19.79 11.51
CA TYR A 179 -14.37 18.54 11.78
C TYR A 179 -14.04 17.95 13.13
N SER A 180 -12.79 18.06 13.58
CA SER A 180 -12.41 17.47 14.86
C SER A 180 -13.07 18.22 16.02
N SER A 181 -13.14 19.55 15.94
CA SER A 181 -13.83 20.31 16.97
C SER A 181 -15.31 19.94 17.03
N LEU A 182 -15.90 19.56 15.89
CA LEU A 182 -17.30 19.14 15.87
C LEU A 182 -17.44 17.66 16.24
N LEU A 183 -16.85 16.78 15.42
CA LEU A 183 -17.05 15.34 15.62
C LEU A 183 -16.29 14.83 16.84
N SER A 184 -14.98 15.12 16.90
CA SER A 184 -14.12 14.70 17.99
C SER A 184 -14.08 13.18 18.22
N PRO A 185 -13.71 12.39 17.20
CA PRO A 185 -13.33 11.00 17.45
C PRO A 185 -11.88 10.84 17.86
N MET A 186 -11.20 11.96 18.14
CA MET A 186 -9.80 11.94 18.52
C MET A 186 -9.46 12.86 19.70
N SER A 187 -10.30 13.85 20.00
CA SER A 187 -9.93 14.84 21.01
C SER A 187 -9.85 14.20 22.39
N VAL A 188 -10.78 13.29 22.71
CA VAL A 188 -10.82 12.63 24.01
C VAL A 188 -10.52 11.15 23.89
N ASN A 189 -11.15 10.48 22.91
CA ASN A 189 -10.97 9.04 22.75
C ASN A 189 -9.50 8.67 22.75
N ALA A 190 -8.69 9.29 21.90
CA ALA A 190 -7.30 8.88 21.82
C ALA A 190 -6.58 9.21 23.11
N VAL A 191 -6.51 10.49 23.44
CA VAL A 191 -5.64 10.90 24.53
C VAL A 191 -6.01 10.15 25.80
N MET A 192 -7.29 9.97 26.06
CA MET A 192 -7.64 9.29 27.30
C MET A 192 -7.30 7.83 27.21
N LYS A 193 -7.68 7.18 26.11
CA LYS A 193 -7.61 5.74 26.06
C LYS A 193 -6.22 5.20 25.78
N VAL A 194 -5.21 6.06 25.61
CA VAL A 194 -3.87 5.52 25.80
C VAL A 194 -3.12 6.35 26.83
N ILE A 195 -3.83 6.76 27.88
CA ILE A 195 -3.10 7.28 29.04
C ILE A 195 -2.75 6.20 30.04
N ASP A 196 -3.24 4.98 29.86
CA ASP A 196 -2.98 3.95 30.85
C ASP A 196 -1.52 3.59 31.00
N PRO A 197 -0.81 3.12 29.97
CA PRO A 197 0.58 2.74 30.25
C PRO A 197 1.41 3.98 30.52
N ALA A 198 1.23 4.52 31.73
CA ALA A 198 1.62 5.89 32.02
C ALA A 198 3.12 6.09 32.11
N THR A 199 3.92 5.03 32.07
CA THR A 199 5.38 5.16 32.18
C THR A 199 5.93 6.01 31.04
N ALA A 200 6.83 6.94 31.38
CA ALA A 200 7.32 7.92 30.42
C ALA A 200 8.12 7.27 29.30
N THR A 201 7.93 7.78 28.09
CA THR A 201 8.72 7.41 26.90
C THR A 201 8.70 5.90 26.64
N SER A 202 7.59 5.24 26.99
CA SER A 202 7.40 3.88 26.54
C SER A 202 5.95 3.70 26.13
N VAL A 203 5.62 4.14 24.92
CA VAL A 203 4.29 3.92 24.37
C VAL A 203 4.41 3.47 22.94
N ASP A 204 4.53 2.17 22.71
CA ASP A 204 4.70 1.72 21.33
C ASP A 204 3.43 1.98 20.54
N LEU A 205 3.57 2.08 19.22
CA LEU A 205 2.38 2.07 18.38
C LEU A 205 1.66 0.74 18.50
N ARG A 206 2.41 -0.35 18.60
CA ARG A 206 1.78 -1.67 18.72
C ARG A 206 0.97 -1.78 20.00
N ASP A 207 1.12 -0.83 20.90
CA ASP A 207 0.31 -0.78 22.11
C ASP A 207 -1.13 -0.38 21.81
N ILE A 208 -1.40 0.26 20.67
CA ILE A 208 -2.70 0.85 20.39
C ILE A 208 -3.28 0.37 19.07
N LYS A 209 -3.10 -0.90 18.74
CA LYS A 209 -3.72 -1.46 17.54
C LYS A 209 -5.16 -0.99 17.42
N ILE A 210 -5.54 -0.56 16.21
CA ILE A 210 -6.85 0.05 15.97
C ILE A 210 -7.61 -0.77 14.95
N VAL A 211 -8.90 -0.99 15.22
CA VAL A 211 -9.79 -1.65 14.29
C VAL A 211 -10.59 -0.58 13.56
N LYS A 212 -11.18 -0.96 12.43
CA LYS A 212 -12.12 -0.10 11.75
C LYS A 212 -13.31 -0.95 11.30
N LYS A 213 -14.38 -0.28 10.91
CA LYS A 213 -15.54 -0.98 10.37
C LYS A 213 -16.50 0.04 9.76
N LEU A 214 -17.19 -0.38 8.72
CA LEU A 214 -18.15 0.44 8.02
C LEU A 214 -19.54 0.25 8.62
N GLY A 215 -20.39 1.25 8.43
CA GLY A 215 -21.71 1.24 9.01
C GLY A 215 -21.77 1.95 10.35
N GLY A 216 -22.96 2.37 10.72
CA GLY A 216 -23.15 3.00 12.01
C GLY A 216 -23.25 4.51 11.95
N THR A 217 -22.44 5.19 12.77
CA THR A 217 -22.39 6.64 12.77
C THR A 217 -21.08 7.09 13.41
N ILE A 218 -20.61 8.27 13.00
CA ILE A 218 -19.40 8.83 13.60
C ILE A 218 -19.63 9.22 15.04
N ASP A 219 -20.84 9.06 15.54
CA ASP A 219 -21.22 9.66 16.80
C ASP A 219 -20.41 9.09 17.96
N ASP A 220 -19.99 7.83 17.85
CA ASP A 220 -19.36 7.14 18.96
C ASP A 220 -18.17 6.30 18.51
N CYS A 221 -17.07 6.40 19.23
CA CYS A 221 -15.90 5.54 19.07
C CYS A 221 -15.36 5.24 20.47
N GLU A 222 -15.39 3.97 20.86
CA GLU A 222 -15.47 3.60 22.27
C GLU A 222 -14.28 2.76 22.73
N LEU A 223 -14.44 2.14 23.91
CA LEU A 223 -13.33 1.67 24.73
C LEU A 223 -13.60 0.30 25.29
N VAL A 224 -12.63 -0.58 25.18
CA VAL A 224 -12.56 -1.78 26.00
C VAL A 224 -11.10 -2.04 26.32
N GLU A 225 -10.83 -2.47 27.55
CA GLU A 225 -9.45 -2.81 27.89
C GLU A 225 -9.00 -4.13 27.32
N GLY A 226 -9.81 -4.77 26.48
CA GLY A 226 -9.42 -6.03 25.89
C GLY A 226 -9.39 -6.00 24.37
N LEU A 227 -8.79 -7.02 23.76
CA LEU A 227 -8.74 -7.10 22.31
C LEU A 227 -10.16 -7.22 21.75
N VAL A 228 -10.27 -6.97 20.44
CA VAL A 228 -11.55 -7.00 19.74
C VAL A 228 -11.34 -7.60 18.37
N LEU A 229 -12.06 -8.69 18.07
CA LEU A 229 -11.94 -9.38 16.80
C LEU A 229 -13.21 -9.23 15.99
N THR A 230 -13.05 -9.28 14.67
CA THR A 230 -14.13 -8.96 13.73
C THR A 230 -14.03 -9.87 12.51
N GLN A 231 -14.77 -10.98 12.54
CA GLN A 231 -14.96 -11.87 11.41
C GLN A 231 -15.98 -12.94 11.80
N LYS A 232 -16.56 -13.57 10.78
CA LYS A 232 -17.60 -14.57 11.00
C LYS A 232 -17.05 -15.72 11.85
N VAL A 233 -17.91 -16.26 12.71
CA VAL A 233 -17.47 -17.26 13.66
C VAL A 233 -17.85 -18.67 13.20
N SER A 234 -19.13 -18.96 13.13
CA SER A 234 -19.64 -20.29 12.77
C SER A 234 -21.14 -20.16 12.54
N ASN A 235 -21.80 -21.30 12.42
CA ASN A 235 -23.26 -21.35 12.46
C ASN A 235 -23.65 -22.61 13.22
N SER A 236 -24.23 -22.43 14.41
CA SER A 236 -24.50 -23.52 15.33
C SER A 236 -25.68 -23.12 16.21
N GLY A 237 -25.87 -23.85 17.30
CA GLY A 237 -26.98 -23.56 18.19
C GLY A 237 -26.90 -22.21 18.87
N ILE A 238 -25.96 -22.06 19.80
CA ILE A 238 -25.75 -20.81 20.54
C ILE A 238 -24.29 -20.73 20.94
N THR A 239 -23.70 -19.54 20.79
CA THR A 239 -22.30 -19.33 21.16
C THR A 239 -22.16 -18.00 21.94
N ARG A 240 -22.36 -18.09 23.26
CA ARG A 240 -22.02 -16.97 24.14
C ARG A 240 -21.80 -17.54 25.54
N VAL A 241 -20.53 -17.81 25.88
CA VAL A 241 -20.17 -18.43 27.15
C VAL A 241 -18.80 -17.87 27.55
N GLU A 242 -18.35 -18.20 28.76
CA GLU A 242 -17.03 -17.81 29.25
C GLU A 242 -16.35 -19.01 29.89
N LYS A 243 -15.04 -19.13 29.65
CA LYS A 243 -14.21 -20.19 30.21
C LYS A 243 -12.76 -19.82 29.92
N ALA A 244 -11.82 -20.71 30.24
CA ALA A 244 -10.41 -20.52 29.92
C ALA A 244 -10.24 -20.22 28.44
N LYS A 245 -9.14 -19.58 28.07
CA LYS A 245 -9.02 -19.02 26.74
C LYS A 245 -9.20 -20.07 25.65
N ILE A 246 -9.67 -19.59 24.50
CA ILE A 246 -9.85 -20.42 23.32
C ILE A 246 -8.65 -21.32 23.09
N GLY A 247 -7.45 -20.72 23.03
CA GLY A 247 -6.24 -21.46 22.75
C GLY A 247 -5.81 -21.34 21.30
N LEU A 248 -4.78 -20.52 21.06
CA LEU A 248 -4.38 -20.16 19.71
C LEU A 248 -3.65 -21.29 19.02
N ILE A 249 -4.07 -21.62 17.79
CA ILE A 249 -3.40 -22.62 16.98
C ILE A 249 -3.08 -22.03 15.61
N GLN A 250 -1.83 -22.17 15.19
CA GLN A 250 -1.47 -21.97 13.79
C GLN A 250 -1.38 -23.34 13.12
N PHE A 251 -2.54 -23.97 13.06
CA PHE A 251 -2.68 -25.38 12.72
C PHE A 251 -3.05 -25.55 11.24
N CYS A 252 -3.17 -26.80 10.82
CA CYS A 252 -3.74 -27.14 9.52
C CYS A 252 -4.43 -28.48 9.69
N LEU A 253 -5.66 -28.59 9.20
CA LEU A 253 -6.47 -29.78 9.44
C LEU A 253 -7.19 -30.23 8.18
N SER A 254 -6.54 -30.05 7.03
CA SER A 254 -7.00 -30.60 5.77
C SER A 254 -5.99 -31.63 5.32
N ALA A 255 -6.46 -32.88 5.16
CA ALA A 255 -5.62 -34.02 4.83
C ALA A 255 -4.64 -33.71 3.69
N PRO A 256 -3.41 -34.20 3.77
CA PRO A 256 -2.48 -34.04 2.65
C PRO A 256 -3.07 -34.65 1.38
N LYS A 257 -2.98 -33.90 0.28
CA LYS A 257 -3.52 -34.37 -0.99
C LYS A 257 -2.75 -35.61 -1.45
N THR A 258 -3.50 -36.63 -1.89
CA THR A 258 -2.91 -37.92 -2.22
C THR A 258 -1.82 -37.77 -3.27
N ASP A 259 -0.94 -38.77 -3.32
CA ASP A 259 0.24 -38.71 -4.18
C ASP A 259 -0.12 -39.07 -5.62
N MET A 260 -1.16 -38.44 -6.16
CA MET A 260 -1.61 -38.62 -7.52
C MET A 260 -2.82 -37.70 -7.70
N ASP A 261 -3.19 -37.44 -8.95
CA ASP A 261 -4.39 -36.64 -9.19
C ASP A 261 -5.65 -37.49 -9.13
N ASN A 262 -5.57 -38.72 -9.65
CA ASN A 262 -6.58 -39.75 -9.46
C ASN A 262 -5.98 -40.84 -8.58
N GLN A 263 -6.67 -41.95 -8.45
CA GLN A 263 -6.10 -43.11 -7.78
C GLN A 263 -5.72 -44.17 -8.81
N ILE A 264 -5.27 -45.33 -8.32
CA ILE A 264 -4.81 -46.39 -9.21
C ILE A 264 -5.91 -46.78 -10.20
N VAL A 265 -7.15 -46.84 -9.73
CA VAL A 265 -8.28 -47.22 -10.57
C VAL A 265 -9.41 -46.24 -10.30
N VAL A 266 -9.97 -45.68 -11.36
CA VAL A 266 -11.06 -44.70 -11.27
C VAL A 266 -12.35 -45.45 -11.59
N SER A 267 -13.07 -45.85 -10.55
CA SER A 267 -14.34 -46.56 -10.69
C SER A 267 -15.06 -46.53 -9.34
N ASP A 268 -16.17 -47.26 -9.26
CA ASP A 268 -16.98 -47.27 -8.05
C ASP A 268 -16.56 -48.36 -7.09
N TYR A 269 -16.23 -49.54 -7.62
CA TYR A 269 -16.02 -50.73 -6.79
C TYR A 269 -14.90 -50.52 -5.77
N ALA A 270 -13.71 -50.12 -6.25
CA ALA A 270 -12.50 -50.31 -5.45
C ALA A 270 -12.30 -49.23 -4.40
N GLN A 271 -12.10 -47.98 -4.82
CA GLN A 271 -11.49 -46.98 -3.95
C GLN A 271 -12.37 -46.58 -2.78
N MET A 272 -13.70 -46.62 -2.96
CA MET A 272 -14.60 -46.20 -1.89
C MET A 272 -14.51 -47.14 -0.70
N ASP A 273 -14.26 -48.43 -0.94
CA ASP A 273 -14.10 -49.38 0.15
C ASP A 273 -12.89 -49.03 1.01
N ARG A 274 -11.82 -48.52 0.39
CA ARG A 274 -10.57 -48.32 1.10
C ARG A 274 -10.45 -46.95 1.74
N VAL A 275 -10.52 -45.88 0.94
CA VAL A 275 -10.08 -44.58 1.45
C VAL A 275 -11.11 -43.97 2.41
N LEU A 276 -12.35 -44.45 2.40
CA LEU A 276 -13.38 -43.96 3.31
C LEU A 276 -12.91 -44.05 4.76
N ARG A 277 -12.46 -45.24 5.17
CA ARG A 277 -12.06 -45.44 6.56
C ARG A 277 -10.81 -44.63 6.88
N GLU A 278 -9.84 -44.59 5.96
CA GLU A 278 -8.65 -43.79 6.15
C GLU A 278 -9.01 -42.35 6.47
N GLU A 279 -9.90 -41.75 5.68
CA GLU A 279 -10.22 -40.34 5.90
C GLU A 279 -11.05 -40.14 7.15
N ARG A 280 -12.05 -41.00 7.39
CA ARG A 280 -12.86 -40.85 8.58
C ARG A 280 -12.04 -41.04 9.85
N ALA A 281 -10.90 -41.72 9.76
CA ALA A 281 -10.00 -41.83 10.90
C ALA A 281 -9.07 -40.62 11.00
N TYR A 282 -8.44 -40.25 9.90
CA TYR A 282 -7.52 -39.10 9.90
C TYR A 282 -8.19 -37.83 10.38
N ILE A 283 -9.44 -37.59 9.96
CA ILE A 283 -10.09 -36.32 10.29
C ILE A 283 -10.90 -36.42 11.59
N LEU A 284 -10.81 -37.53 12.31
CA LEU A 284 -11.46 -37.65 13.61
C LEU A 284 -10.47 -37.80 14.75
N ASN A 285 -9.38 -38.55 14.55
CA ASN A 285 -8.43 -38.76 15.64
C ASN A 285 -7.73 -37.48 16.05
N LEU A 286 -7.54 -36.55 15.10
CA LEU A 286 -6.86 -35.29 15.42
C LEU A 286 -7.70 -34.45 16.38
N VAL A 287 -8.95 -34.19 16.02
CA VAL A 287 -9.82 -33.45 16.93
C VAL A 287 -10.04 -34.23 18.22
N LYS A 288 -10.01 -35.56 18.13
CA LYS A 288 -10.07 -36.38 19.35
C LYS A 288 -8.93 -36.02 20.29
N GLN A 289 -7.70 -35.97 19.76
CA GLN A 289 -6.55 -35.63 20.58
C GLN A 289 -6.66 -34.20 21.11
N ILE A 290 -6.95 -33.25 20.23
CA ILE A 290 -7.03 -31.84 20.64
C ILE A 290 -8.12 -31.63 21.69
N LYS A 291 -9.12 -32.51 21.73
CA LYS A 291 -10.13 -32.45 22.77
C LYS A 291 -9.56 -32.66 24.17
N LYS A 292 -8.31 -33.13 24.28
CA LYS A 292 -7.72 -33.39 25.59
C LYS A 292 -7.67 -32.12 26.43
N THR A 293 -7.20 -31.02 25.87
CA THR A 293 -7.26 -29.76 26.57
C THR A 293 -8.67 -29.17 26.41
N GLY A 294 -9.01 -28.28 27.33
CA GLY A 294 -10.38 -27.82 27.44
C GLY A 294 -10.75 -26.70 26.49
N CYS A 295 -11.89 -26.07 26.82
CA CYS A 295 -12.49 -24.91 26.18
C CYS A 295 -13.16 -25.22 24.84
N ASN A 296 -12.87 -26.37 24.26
CA ASN A 296 -13.55 -26.85 23.05
C ASN A 296 -13.70 -25.77 21.97
N VAL A 297 -12.71 -24.89 21.83
CA VAL A 297 -12.78 -23.74 20.94
C VAL A 297 -11.38 -23.42 20.44
N LEU A 298 -11.28 -22.86 19.22
CA LEU A 298 -9.96 -22.67 18.64
C LEU A 298 -9.99 -21.52 17.62
N LEU A 299 -8.79 -21.01 17.32
CA LEU A 299 -8.57 -19.93 16.36
C LEU A 299 -7.42 -20.29 15.42
N ILE A 300 -7.60 -20.04 14.12
CA ILE A 300 -6.68 -20.52 13.10
C ILE A 300 -6.12 -19.34 12.32
N GLN A 301 -4.97 -19.57 11.68
CA GLN A 301 -4.35 -18.59 10.80
C GLN A 301 -5.03 -18.62 9.43
N LYS A 302 -4.42 -17.97 8.44
CA LYS A 302 -4.97 -17.94 7.10
C LYS A 302 -4.78 -19.29 6.41
N SER A 303 -5.24 -19.38 5.16
CA SER A 303 -5.36 -20.64 4.44
C SER A 303 -4.80 -20.53 3.04
N ILE A 304 -3.59 -20.00 2.91
CA ILE A 304 -2.99 -19.87 1.58
C ILE A 304 -2.39 -21.19 1.12
N LEU A 305 -1.97 -22.06 2.04
CA LEU A 305 -1.44 -23.37 1.70
C LEU A 305 -2.41 -24.51 2.01
N ARG A 306 -3.04 -24.48 3.18
CA ARG A 306 -4.04 -25.49 3.51
C ARG A 306 -5.25 -25.33 2.60
N ASP A 307 -5.52 -26.35 1.81
CA ASP A 307 -6.61 -26.32 0.85
C ASP A 307 -7.64 -27.38 1.21
N ALA A 308 -8.90 -27.11 0.82
CA ALA A 308 -10.04 -27.99 1.11
C ALA A 308 -10.22 -28.18 2.61
N LEU A 309 -10.56 -27.07 3.27
CA LEU A 309 -10.89 -27.09 4.68
C LEU A 309 -12.02 -28.07 4.95
N SER A 310 -11.84 -28.88 5.99
CA SER A 310 -12.81 -29.91 6.32
C SER A 310 -14.10 -29.29 6.84
N ASP A 311 -15.19 -30.05 6.71
CA ASP A 311 -16.48 -29.69 7.29
C ASP A 311 -16.95 -30.69 8.33
N LEU A 312 -16.67 -31.98 8.12
CA LEU A 312 -17.02 -32.97 9.12
C LEU A 312 -16.37 -32.66 10.46
N ALA A 313 -15.18 -32.05 10.44
CA ALA A 313 -14.57 -31.58 11.67
C ALA A 313 -15.46 -30.56 12.36
N LEU A 314 -16.03 -29.63 11.58
CA LEU A 314 -16.93 -28.65 12.16
C LEU A 314 -18.16 -29.32 12.73
N HIS A 315 -18.68 -30.32 12.02
CA HIS A 315 -19.80 -31.11 12.55
C HIS A 315 -19.44 -31.77 13.87
N PHE A 316 -18.24 -32.33 13.96
CA PHE A 316 -17.82 -32.99 15.20
C PHE A 316 -17.73 -31.99 16.34
N LEU A 317 -17.06 -30.87 16.11
CA LEU A 317 -16.95 -29.85 17.14
C LEU A 317 -18.32 -29.32 17.54
N ASN A 318 -19.30 -29.39 16.63
CA ASN A 318 -20.66 -29.02 17.00
C ASN A 318 -21.19 -29.89 18.12
N LYS A 319 -20.92 -31.20 18.06
CA LYS A 319 -21.21 -32.06 19.19
C LYS A 319 -20.38 -31.69 20.41
N MET A 320 -19.18 -31.15 20.18
CA MET A 320 -18.25 -30.84 21.27
C MET A 320 -18.16 -29.35 21.55
N LYS A 321 -19.27 -28.62 21.49
CA LYS A 321 -19.36 -27.26 22.04
C LYS A 321 -18.35 -26.32 21.38
N ILE A 322 -18.58 -26.10 20.09
CA ILE A 322 -17.69 -25.33 19.24
C ILE A 322 -18.00 -23.84 19.37
N MET A 323 -16.94 -23.02 19.34
CA MET A 323 -17.07 -21.58 19.10
C MET A 323 -15.71 -21.11 18.59
N VAL A 324 -15.63 -20.85 17.29
CA VAL A 324 -14.33 -20.73 16.65
C VAL A 324 -14.28 -19.56 15.69
N ILE A 325 -13.08 -19.02 15.52
CA ILE A 325 -12.79 -17.97 14.56
C ILE A 325 -11.64 -18.43 13.69
N LYS A 326 -11.71 -18.15 12.40
CA LYS A 326 -10.69 -18.56 11.45
C LYS A 326 -10.08 -17.35 10.78
N ASP A 327 -8.99 -17.59 10.04
CA ASP A 327 -8.35 -16.58 9.20
C ASP A 327 -7.92 -15.36 10.03
N ILE A 328 -6.95 -15.60 10.89
CA ILE A 328 -6.32 -14.54 11.66
C ILE A 328 -4.97 -14.21 11.03
N GLU A 329 -4.49 -12.99 11.26
CA GLU A 329 -3.41 -12.39 10.49
C GLU A 329 -2.14 -12.23 11.33
N ARG A 330 -0.99 -12.17 10.63
CA ARG A 330 0.32 -12.20 11.27
C ARG A 330 0.51 -11.03 12.23
N GLU A 331 0.24 -9.82 11.78
CA GLU A 331 0.32 -8.67 12.68
C GLU A 331 -0.52 -8.92 13.92
N ASP A 332 -1.76 -9.35 13.73
CA ASP A 332 -2.60 -9.72 14.84
C ASP A 332 -2.06 -10.92 15.59
N ILE A 333 -1.34 -11.82 14.90
CA ILE A 333 -0.87 -13.02 15.57
C ILE A 333 0.28 -12.72 16.50
N GLU A 334 0.98 -11.61 16.30
CA GLU A 334 1.92 -11.16 17.31
C GLU A 334 1.22 -10.31 18.37
N PHE A 335 0.26 -9.49 17.96
CA PHE A 335 -0.33 -8.58 18.94
C PHE A 335 -1.19 -9.30 19.97
N ILE A 336 -1.97 -10.30 19.54
CA ILE A 336 -2.76 -11.06 20.49
C ILE A 336 -1.88 -11.84 21.45
N CYS A 337 -0.84 -12.49 20.92
CA CYS A 337 0.04 -13.26 21.79
C CYS A 337 0.74 -12.34 22.78
N LYS A 338 0.83 -11.05 22.47
CA LYS A 338 1.25 -10.11 23.52
C LYS A 338 0.12 -9.75 24.47
N THR A 339 -1.11 -9.61 23.99
CA THR A 339 -2.17 -9.11 24.87
C THR A 339 -2.54 -10.12 25.93
N ILE A 340 -2.68 -11.40 25.55
CA ILE A 340 -3.36 -12.38 26.39
C ILE A 340 -2.41 -13.44 26.90
N GLY A 341 -1.13 -13.36 26.55
CA GLY A 341 -0.11 -14.21 27.12
C GLY A 341 -0.23 -15.68 26.79
N THR A 342 -0.62 -16.01 25.56
CA THR A 342 -0.74 -17.40 25.13
C THR A 342 0.28 -17.68 24.03
N LYS A 343 1.32 -18.42 24.37
CA LYS A 343 2.32 -18.81 23.39
C LYS A 343 1.66 -19.65 22.29
N PRO A 344 2.09 -19.49 21.04
CA PRO A 344 1.42 -20.19 19.94
C PRO A 344 1.56 -21.71 19.98
N VAL A 345 0.99 -22.38 18.98
CA VAL A 345 1.24 -23.80 18.76
C VAL A 345 1.15 -24.07 17.26
N ALA A 346 2.16 -24.73 16.72
CA ALA A 346 2.20 -25.00 15.29
C ALA A 346 1.45 -26.27 14.93
N HIS A 347 1.64 -27.33 15.71
CA HIS A 347 1.13 -28.64 15.32
C HIS A 347 0.67 -29.40 16.56
N ILE A 348 0.03 -30.55 16.30
CA ILE A 348 -0.67 -31.29 17.36
C ILE A 348 0.30 -31.85 18.39
N ASP A 349 1.51 -32.22 17.97
CA ASP A 349 2.42 -32.96 18.84
C ASP A 349 3.04 -32.10 19.92
N GLN A 350 2.72 -30.81 20.00
CA GLN A 350 3.17 -29.95 21.08
C GLN A 350 1.96 -29.26 21.68
N PHE A 351 1.40 -29.83 22.75
CA PHE A 351 0.26 -29.23 23.46
C PHE A 351 0.40 -29.40 24.96
N THR A 352 1.59 -29.16 25.51
CA THR A 352 1.77 -29.38 26.94
C THR A 352 1.25 -28.20 27.76
N ALA A 353 1.84 -27.03 27.58
CA ALA A 353 1.45 -25.83 28.31
C ALA A 353 1.53 -24.67 27.34
N ASP A 354 1.48 -23.44 27.87
CA ASP A 354 1.60 -22.24 27.05
C ASP A 354 0.55 -22.23 25.95
N MET A 355 -0.66 -22.63 26.30
CA MET A 355 -1.74 -22.77 25.33
C MET A 355 -3.08 -22.33 25.89
N LEU A 356 -3.09 -21.42 26.85
CA LEU A 356 -4.32 -21.08 27.55
C LEU A 356 -4.18 -19.69 28.17
N GLY A 357 -5.27 -19.22 28.76
CA GLY A 357 -5.31 -17.92 29.40
C GLY A 357 -6.70 -17.62 29.92
N SER A 358 -6.83 -16.62 30.79
CA SER A 358 -8.14 -16.33 31.34
C SER A 358 -9.01 -15.64 30.29
N ALA A 359 -10.32 -15.62 30.56
CA ALA A 359 -11.28 -14.99 29.69
C ALA A 359 -12.56 -14.80 30.46
N GLU A 360 -13.35 -13.80 30.06
CA GLU A 360 -14.47 -13.37 30.89
C GLU A 360 -15.80 -13.38 30.17
N LEU A 361 -15.81 -13.11 28.87
CA LEU A 361 -17.05 -13.12 28.10
C LEU A 361 -16.71 -13.20 26.61
N ALA A 362 -17.72 -13.02 25.77
CA ALA A 362 -17.57 -13.02 24.33
C ALA A 362 -18.80 -12.38 23.71
N GLU A 363 -18.97 -12.56 22.39
CA GLU A 363 -20.23 -12.33 21.70
C GLU A 363 -20.72 -10.88 21.82
N GLU A 364 -19.99 -10.00 21.16
CA GLU A 364 -20.52 -8.68 20.83
C GLU A 364 -21.18 -8.73 19.46
N VAL A 365 -22.22 -7.90 19.28
CA VAL A 365 -23.10 -8.03 18.13
C VAL A 365 -22.97 -6.83 17.21
N ASN A 366 -23.69 -6.86 16.10
CA ASN A 366 -23.77 -5.72 15.18
C ASN A 366 -24.69 -4.65 15.74
N LEU A 367 -24.39 -4.19 16.95
CA LEU A 367 -25.32 -3.33 17.68
C LEU A 367 -25.51 -2.00 16.97
N ASN A 368 -26.74 -1.76 16.52
CA ASN A 368 -27.15 -0.48 15.92
C ASN A 368 -26.24 -0.07 14.77
N GLY A 369 -25.92 -1.02 13.91
CA GLY A 369 -25.07 -0.71 12.77
C GLY A 369 -24.54 -1.93 12.04
N SER A 370 -23.25 -1.92 11.74
CA SER A 370 -22.66 -2.93 10.88
C SER A 370 -21.23 -3.16 11.34
N GLY A 371 -20.51 -3.99 10.59
CA GLY A 371 -19.16 -4.35 10.99
C GLY A 371 -19.14 -5.23 12.22
N LYS A 372 -19.57 -6.47 12.09
CA LYS A 372 -19.63 -7.37 13.23
C LYS A 372 -18.28 -7.48 13.91
N LEU A 373 -18.30 -7.45 15.24
CA LEU A 373 -17.09 -7.49 16.04
C LEU A 373 -17.46 -8.07 17.40
N LEU A 374 -16.45 -8.58 18.11
CA LEU A 374 -16.66 -9.16 19.42
C LEU A 374 -15.75 -8.49 20.45
N LYS A 375 -16.15 -8.65 21.71
CA LYS A 375 -15.62 -7.83 22.80
C LYS A 375 -14.97 -8.64 23.92
N ILE A 376 -14.06 -9.55 23.57
CA ILE A 376 -13.36 -10.31 24.60
C ILE A 376 -12.63 -9.33 25.51
N THR A 377 -13.04 -9.29 26.78
CA THR A 377 -12.44 -8.40 27.78
C THR A 377 -11.59 -9.26 28.72
N GLY A 378 -10.35 -9.52 28.32
CA GLY A 378 -9.47 -10.42 29.03
C GLY A 378 -8.54 -9.67 29.95
N CYS A 379 -8.70 -9.90 31.26
CA CYS A 379 -7.82 -9.34 32.27
C CYS A 379 -6.80 -10.36 32.76
N ALA A 380 -6.36 -11.26 31.89
CA ALA A 380 -5.35 -12.24 32.25
C ALA A 380 -4.02 -11.56 32.50
N SER A 381 -3.47 -10.92 31.46
CA SER A 381 -2.27 -10.11 31.62
C SER A 381 -2.72 -8.69 31.97
N PRO A 382 -2.53 -8.23 33.21
CA PRO A 382 -2.88 -6.85 33.54
C PRO A 382 -2.01 -5.83 32.84
N GLY A 383 -0.99 -6.29 32.11
CA GLY A 383 -0.19 -5.43 31.27
C GLY A 383 -1.04 -4.53 30.41
N LYS A 384 -0.82 -3.24 30.55
CA LYS A 384 -1.68 -2.26 29.89
C LYS A 384 -1.76 -2.54 28.40
N THR A 385 -2.92 -2.27 27.84
CA THR A 385 -3.21 -2.47 26.43
C THR A 385 -4.58 -1.88 26.18
N VAL A 386 -4.79 -1.31 25.00
CA VAL A 386 -6.08 -0.76 24.63
C VAL A 386 -6.30 -0.96 23.15
N THR A 387 -7.51 -0.63 22.69
CA THR A 387 -7.85 -0.61 21.28
C THR A 387 -8.84 0.51 21.01
N ILE A 388 -9.00 0.85 19.73
CA ILE A 388 -9.86 1.93 19.27
C ILE A 388 -10.73 1.41 18.15
N VAL A 389 -12.01 1.75 18.18
CA VAL A 389 -12.99 1.28 17.21
C VAL A 389 -13.64 2.49 16.54
N VAL A 390 -13.83 2.41 15.22
CA VAL A 390 -14.38 3.51 14.44
C VAL A 390 -15.45 2.95 13.52
N ARG A 391 -16.72 3.20 13.85
CA ARG A 391 -17.85 2.89 12.97
C ARG A 391 -18.18 4.12 12.15
N GLY A 392 -19.33 4.09 11.47
CA GLY A 392 -19.81 5.28 10.80
C GLY A 392 -20.81 5.06 9.69
N SER A 393 -21.78 5.97 9.57
CA SER A 393 -22.80 5.87 8.53
C SER A 393 -22.22 5.95 7.12
N ASN A 394 -20.93 6.23 6.99
CA ASN A 394 -20.28 6.34 5.68
C ASN A 394 -18.96 5.60 5.72
N LYS A 395 -18.69 4.83 4.67
CA LYS A 395 -17.32 4.36 4.48
C LYS A 395 -16.38 5.55 4.51
N LEU A 396 -16.80 6.67 3.93
CA LEU A 396 -15.98 7.87 4.05
C LEU A 396 -15.76 8.28 5.50
N VAL A 397 -16.50 7.71 6.45
CA VAL A 397 -16.08 7.86 7.85
C VAL A 397 -14.81 7.06 8.11
N ILE A 398 -14.74 5.83 7.61
CA ILE A 398 -13.51 5.05 7.75
C ILE A 398 -12.38 5.77 7.05
N GLU A 399 -12.70 6.60 6.07
CA GLU A 399 -11.66 7.31 5.33
C GLU A 399 -11.26 8.63 5.99
N GLU A 400 -12.20 9.33 6.63
CA GLU A 400 -11.92 10.65 7.16
C GLU A 400 -11.49 10.63 8.63
N ALA A 401 -12.00 9.69 9.44
CA ALA A 401 -11.62 9.66 10.84
C ALA A 401 -10.34 8.89 11.09
N GLU A 402 -9.94 8.03 10.15
CA GLU A 402 -8.81 7.15 10.36
C GLU A 402 -7.49 7.88 10.17
N ARG A 403 -6.47 7.43 10.92
CA ARG A 403 -5.08 7.85 10.83
C ARG A 403 -4.89 9.27 11.36
N SER A 404 -5.98 9.99 11.57
CA SER A 404 -5.89 11.23 12.31
C SER A 404 -5.53 10.96 13.76
N ILE A 405 -6.05 9.85 14.31
CA ILE A 405 -5.65 9.42 15.63
C ILE A 405 -4.19 8.98 15.63
N HIS A 406 -3.77 8.24 14.60
CA HIS A 406 -2.35 7.93 14.45
C HIS A 406 -1.49 9.18 14.58
N ASP A 407 -1.84 10.22 13.81
CA ASP A 407 -1.01 11.43 13.76
C ASP A 407 -1.05 12.19 15.09
N ALA A 408 -2.26 12.52 15.57
CA ALA A 408 -2.37 13.25 16.83
C ALA A 408 -1.78 12.45 17.97
N LEU A 409 -1.75 11.13 17.84
CA LEU A 409 -1.18 10.27 18.88
C LEU A 409 0.33 10.36 18.87
N CYS A 410 0.94 10.40 17.68
CA CYS A 410 2.37 10.71 17.62
C CYS A 410 2.64 12.08 18.23
N VAL A 411 1.71 13.03 18.02
CA VAL A 411 1.88 14.38 18.55
C VAL A 411 1.86 14.36 20.08
N ILE A 412 0.96 13.57 20.68
CA ILE A 412 0.95 13.47 22.14
C ILE A 412 2.05 12.55 22.64
N ARG A 413 2.63 11.72 21.77
CA ARG A 413 3.75 10.87 22.15
C ARG A 413 5.04 11.68 22.27
N CYS A 414 5.25 12.62 21.34
CA CYS A 414 6.51 13.36 21.35
C CYS A 414 6.59 14.34 22.53
N LEU A 415 5.44 14.78 23.05
CA LEU A 415 5.43 15.77 24.12
C LEU A 415 5.78 15.17 25.48
N VAL A 416 5.71 13.85 25.62
CA VAL A 416 5.88 13.22 26.94
C VAL A 416 7.27 13.46 27.52
N LYS A 417 8.25 13.82 26.70
CA LYS A 417 9.62 14.00 27.16
C LYS A 417 10.15 15.42 27.01
N LYS A 418 9.58 16.23 26.12
CA LYS A 418 10.11 17.56 25.88
C LYS A 418 9.54 18.58 26.86
N ARG A 419 8.21 18.56 27.06
CA ARG A 419 7.46 19.44 27.95
C ARG A 419 7.78 20.91 27.71
N ALA A 420 8.39 21.23 26.58
CA ALA A 420 8.67 22.60 26.18
C ALA A 420 8.11 22.83 24.78
N LEU A 421 7.91 24.10 24.45
CA LEU A 421 7.35 24.44 23.14
C LEU A 421 7.90 25.79 22.71
N ILE A 422 7.79 26.06 21.42
CA ILE A 422 8.24 27.32 20.84
C ILE A 422 7.21 27.76 19.80
N ALA A 423 7.19 29.07 19.55
CA ALA A 423 6.30 29.64 18.56
C ALA A 423 6.92 29.56 17.16
N GLY A 424 6.06 29.49 16.16
CA GLY A 424 6.48 29.44 14.77
C GLY A 424 6.67 30.82 14.18
N GLY A 425 6.36 30.93 12.90
CA GLY A 425 6.42 32.21 12.21
C GLY A 425 7.78 32.61 11.69
N GLY A 426 8.81 31.78 11.87
CA GLY A 426 10.14 32.10 11.42
C GLY A 426 10.95 32.95 12.39
N ALA A 427 10.37 33.33 13.52
CA ALA A 427 11.12 34.10 14.51
C ALA A 427 12.38 33.39 14.99
N PRO A 428 12.35 32.10 15.36
CA PRO A 428 13.60 31.46 15.83
C PRO A 428 14.69 31.42 14.77
N GLU A 429 14.32 31.29 13.49
CA GLU A 429 15.32 31.24 12.43
C GLU A 429 16.16 32.51 12.40
N ILE A 430 15.51 33.67 12.23
CA ILE A 430 16.24 34.92 12.15
C ILE A 430 16.85 35.28 13.50
N GLU A 431 16.24 34.86 14.60
CA GLU A 431 16.83 35.09 15.91
C GLU A 431 18.18 34.37 16.03
N LEU A 432 18.20 33.07 15.70
CA LEU A 432 19.44 32.32 15.70
C LEU A 432 20.44 32.89 14.71
N ALA A 433 19.96 33.38 13.56
CA ALA A 433 20.86 33.98 12.58
C ALA A 433 21.55 35.21 13.15
N LEU A 434 20.79 36.07 13.82
CA LEU A 434 21.37 37.26 14.43
C LEU A 434 22.37 36.89 15.53
N ARG A 435 21.98 35.94 16.38
CA ARG A 435 22.87 35.55 17.48
C ARG A 435 24.15 34.94 16.95
N LEU A 436 24.07 34.13 15.89
CA LEU A 436 25.26 33.51 15.34
C LEU A 436 26.11 34.50 14.55
N THR A 437 25.50 35.52 13.96
CA THR A 437 26.31 36.59 13.36
C THR A 437 27.08 37.34 14.43
N GLU A 438 26.43 37.66 15.54
CA GLU A 438 27.14 38.26 16.66
C GLU A 438 28.26 37.35 17.16
N TYR A 439 27.99 36.04 17.20
CA TYR A 439 29.00 35.07 17.64
C TYR A 439 30.21 35.08 16.69
N SER A 440 29.95 35.04 15.38
CA SER A 440 31.03 35.10 14.41
C SER A 440 31.82 36.40 14.55
N ARG A 441 31.13 37.50 14.85
CA ARG A 441 31.82 38.77 15.04
C ARG A 441 32.73 38.72 16.26
N THR A 442 32.29 38.07 17.33
CA THR A 442 33.07 38.09 18.57
C THR A 442 34.10 36.97 18.67
N LEU A 443 34.06 35.96 17.80
CA LEU A 443 35.03 34.88 17.86
C LEU A 443 36.14 35.04 16.82
N SER A 444 36.55 36.29 16.57
CA SER A 444 37.45 36.66 15.49
C SER A 444 38.57 35.66 15.29
N GLY A 445 38.68 35.14 14.07
CA GLY A 445 39.65 34.11 13.77
C GLY A 445 39.27 33.39 12.48
N MET A 446 39.91 32.24 12.27
CA MET A 446 39.69 31.46 11.07
C MET A 446 38.25 30.94 10.99
N GLU A 447 37.69 30.53 12.13
CA GLU A 447 36.38 29.92 12.18
C GLU A 447 35.25 30.94 12.08
N SER A 448 35.58 32.24 12.15
CA SER A 448 34.55 33.27 12.15
C SER A 448 33.79 33.31 10.83
N TYR A 449 34.51 33.25 9.71
CA TYR A 449 33.84 33.28 8.42
C TYR A 449 32.94 32.05 8.24
N CYS A 450 33.37 30.89 8.73
CA CYS A 450 32.57 29.68 8.58
C CYS A 450 31.29 29.76 9.40
N VAL A 451 31.40 30.15 10.67
CA VAL A 451 30.19 30.26 11.48
C VAL A 451 29.31 31.41 10.99
N ARG A 452 29.90 32.44 10.38
CA ARG A 452 29.13 33.52 9.78
C ARG A 452 28.32 33.02 8.59
N ALA A 453 28.96 32.25 7.72
CA ALA A 453 28.24 31.66 6.59
C ALA A 453 27.14 30.73 7.06
N PHE A 454 27.39 30.00 8.15
CA PHE A 454 26.34 29.19 8.75
C PHE A 454 25.16 30.05 9.18
N ALA A 455 25.45 31.18 9.84
CA ALA A 455 24.39 32.10 10.26
C ALA A 455 23.61 32.62 9.06
N ASP A 456 24.30 32.95 7.97
CA ASP A 456 23.61 33.44 6.78
C ASP A 456 22.71 32.36 6.19
N ALA A 457 23.22 31.14 6.07
CA ALA A 457 22.44 30.04 5.51
C ALA A 457 21.27 29.65 6.42
N MET A 458 21.34 29.99 7.71
CA MET A 458 20.27 29.62 8.62
C MET A 458 18.94 30.25 8.22
N GLU A 459 18.95 31.52 7.83
CA GLU A 459 17.71 32.27 7.59
C GLU A 459 17.32 32.15 6.13
N VAL A 460 16.52 31.12 5.81
CA VAL A 460 15.96 30.97 4.47
C VAL A 460 14.46 30.71 4.48
N ILE A 461 13.86 30.31 5.59
CA ILE A 461 12.49 29.82 5.64
C ILE A 461 11.45 30.95 5.56
N PRO A 462 11.54 32.02 6.36
CA PRO A 462 10.47 33.03 6.31
C PRO A 462 10.27 33.65 4.94
N SER A 463 11.34 33.81 4.16
CA SER A 463 11.20 34.27 2.79
C SER A 463 10.37 33.28 1.98
N THR A 464 10.64 31.99 2.13
CA THR A 464 9.87 30.98 1.42
C THR A 464 8.41 31.00 1.85
N LEU A 465 8.15 31.25 3.13
CA LEU A 465 6.76 31.33 3.59
C LEU A 465 6.05 32.53 2.99
N ALA A 466 6.74 33.69 2.95
CA ALA A 466 6.16 34.87 2.32
C ALA A 466 5.88 34.62 0.84
N GLU A 467 6.77 33.88 0.17
CA GLU A 467 6.53 33.53 -1.23
C GLU A 467 5.32 32.63 -1.37
N ASN A 468 5.21 31.62 -0.50
CA ASN A 468 4.06 30.72 -0.54
C ASN A 468 2.76 31.48 -0.35
N ALA A 469 2.74 32.43 0.59
CA ALA A 469 1.58 33.32 0.70
C ALA A 469 1.54 34.29 -0.47
N GLY A 470 2.71 34.78 -0.89
CA GLY A 470 2.81 35.67 -2.03
C GLY A 470 2.96 37.12 -1.61
N LEU A 471 4.21 37.60 -1.58
CA LEU A 471 4.54 38.95 -1.17
C LEU A 471 5.97 39.26 -1.64
N ASN A 472 6.48 40.42 -1.24
CA ASN A 472 7.89 40.74 -1.45
C ASN A 472 8.66 40.32 -0.21
N PRO A 473 9.42 39.23 -0.25
CA PRO A 473 10.00 38.70 0.99
C PRO A 473 11.13 39.55 1.56
N ILE A 474 11.83 40.32 0.72
CA ILE A 474 13.04 41.01 1.18
C ILE A 474 12.71 42.03 2.27
N SER A 475 11.75 42.93 1.98
CA SER A 475 11.39 43.95 2.96
C SER A 475 10.84 43.33 4.23
N THR A 476 10.04 42.27 4.10
CA THR A 476 9.45 41.64 5.27
C THR A 476 10.52 41.01 6.16
N VAL A 477 11.47 40.28 5.56
CA VAL A 477 12.48 39.63 6.37
C VAL A 477 13.42 40.66 6.98
N THR A 478 13.70 41.75 6.26
CA THR A 478 14.52 42.81 6.84
C THR A 478 13.82 43.46 8.02
N GLU A 479 12.52 43.75 7.88
CA GLU A 479 11.77 44.36 8.98
C GLU A 479 11.71 43.41 10.18
N LEU A 480 11.53 42.11 9.93
CA LEU A 480 11.45 41.18 11.05
C LEU A 480 12.80 41.00 11.73
N ARG A 481 13.88 41.00 10.95
CA ARG A 481 15.21 40.95 11.55
C ARG A 481 15.48 42.20 12.37
N ASN A 482 15.00 43.35 11.90
CA ASN A 482 15.13 44.57 12.69
C ASN A 482 14.35 44.47 14.00
N ARG A 483 13.11 44.00 13.93
CA ARG A 483 12.28 43.89 15.13
C ARG A 483 12.87 42.89 16.12
N HIS A 484 13.50 41.83 15.64
CA HIS A 484 14.18 40.90 16.54
C HIS A 484 15.53 41.42 16.99
N ALA A 485 16.11 42.39 16.28
CA ALA A 485 17.22 43.15 16.84
C ALA A 485 16.73 44.12 17.91
N GLN A 486 15.43 44.43 17.92
CA GLN A 486 14.87 45.33 18.92
C GLN A 486 14.58 44.60 20.23
N GLY A 487 13.83 43.49 20.16
CA GLY A 487 13.41 42.81 21.37
C GLY A 487 13.74 41.34 21.44
N GLU A 488 14.19 40.77 20.33
CA GLU A 488 14.61 39.37 20.18
C GLU A 488 13.45 38.38 20.37
N LYS A 489 12.24 38.85 20.63
CA LYS A 489 11.06 37.99 20.64
C LYS A 489 9.89 38.85 20.20
N THR A 490 9.55 38.75 18.91
CA THR A 490 8.53 39.61 18.32
C THR A 490 7.60 38.80 17.44
N ALA A 491 6.80 39.48 16.64
CA ALA A 491 5.85 38.82 15.76
C ALA A 491 6.56 37.86 14.81
N GLY A 492 5.79 36.91 14.27
CA GLY A 492 6.31 35.98 13.30
C GLY A 492 5.73 36.23 11.92
N ILE A 493 5.15 35.19 11.32
CA ILE A 493 4.48 35.30 10.04
C ILE A 493 3.05 34.81 10.21
N ASN A 494 2.09 35.70 9.97
CA ASN A 494 0.68 35.35 10.08
C ASN A 494 0.14 35.04 8.68
N VAL A 495 -0.23 33.78 8.47
CA VAL A 495 -0.77 33.37 7.17
C VAL A 495 -2.23 33.76 7.01
N ARG A 496 -2.89 34.23 8.07
CA ARG A 496 -4.30 34.60 7.97
C ARG A 496 -4.49 35.83 7.09
N LYS A 497 -3.88 36.94 7.48
CA LYS A 497 -4.03 38.20 6.75
C LYS A 497 -2.78 38.56 5.95
N GLY A 498 -1.76 37.70 5.94
CA GLY A 498 -0.52 38.05 5.29
C GLY A 498 0.20 39.21 5.96
N GLY A 499 0.08 39.31 7.28
CA GLY A 499 0.69 40.40 8.01
C GLY A 499 1.71 39.92 9.04
N ILE A 500 2.14 40.82 9.91
CA ILE A 500 3.17 40.52 10.91
C ILE A 500 2.52 40.74 12.28
N SER A 501 2.00 39.66 12.86
CA SER A 501 1.40 39.70 14.18
C SER A 501 1.99 38.59 15.04
N ASN A 502 1.99 38.82 16.35
CA ASN A 502 2.61 37.87 17.27
C ASN A 502 1.91 36.52 17.24
N ILE A 503 2.67 35.46 17.46
CA ILE A 503 2.11 34.13 17.55
C ILE A 503 1.30 33.96 18.82
N LEU A 504 1.54 34.80 19.83
CA LEU A 504 0.83 34.68 21.10
C LEU A 504 -0.66 34.94 20.95
N GLU A 505 -1.09 35.60 19.88
CA GLU A 505 -2.51 35.73 19.57
C GLU A 505 -2.97 34.81 18.44
N GLU A 506 -2.15 34.64 17.40
CA GLU A 506 -2.39 33.64 16.37
C GLU A 506 -1.56 32.41 16.74
N LEU A 507 -2.16 31.55 17.56
CA LEU A 507 -1.42 30.47 18.22
C LEU A 507 -1.04 29.40 17.20
N VAL A 508 0.21 29.44 16.75
CA VAL A 508 0.80 28.35 15.98
C VAL A 508 2.12 28.00 16.67
N VAL A 509 2.08 27.03 17.58
CA VAL A 509 3.22 26.67 18.40
C VAL A 509 3.54 25.20 18.17
N GLN A 510 4.76 24.82 18.54
CA GLN A 510 5.26 23.47 18.35
C GLN A 510 6.22 23.15 19.48
N PRO A 511 6.44 21.87 19.78
CA PRO A 511 7.47 21.50 20.76
C PRO A 511 8.85 21.90 20.27
N LEU A 512 9.82 21.79 21.18
CA LEU A 512 11.18 22.21 20.88
C LEU A 512 12.01 21.12 20.22
N LEU A 513 11.70 19.85 20.48
CA LEU A 513 12.50 18.77 19.94
C LEU A 513 12.41 18.71 18.42
N VAL A 514 11.23 19.00 17.86
CA VAL A 514 11.05 18.96 16.41
C VAL A 514 12.00 19.90 15.70
N SER A 515 12.54 20.89 16.41
CA SER A 515 13.57 21.78 15.87
C SER A 515 14.97 21.39 16.31
N VAL A 516 15.16 21.06 17.59
CA VAL A 516 16.48 20.71 18.09
C VAL A 516 17.05 19.50 17.35
N SER A 517 16.26 18.42 17.29
CA SER A 517 16.69 17.23 16.59
C SER A 517 16.98 17.53 15.12
N ALA A 518 16.10 18.31 14.48
CA ALA A 518 16.31 18.63 13.07
C ALA A 518 17.65 19.31 12.85
N LEU A 519 17.94 20.36 13.63
CA LEU A 519 19.20 21.08 13.47
C LEU A 519 20.39 20.18 13.74
N THR A 520 20.35 19.39 14.82
CA THR A 520 21.53 18.61 15.15
C THR A 520 21.78 17.51 14.14
N LEU A 521 20.72 16.87 13.61
CA LEU A 521 20.93 15.85 12.60
C LEU A 521 21.35 16.46 11.28
N ALA A 522 20.88 17.66 10.95
CA ALA A 522 21.33 18.34 9.74
C ALA A 522 22.82 18.64 9.81
N THR A 523 23.27 19.20 10.94
CA THR A 523 24.69 19.45 11.12
C THR A 523 25.49 18.15 11.05
N GLU A 524 24.98 17.10 11.70
CA GLU A 524 25.65 15.80 11.68
C GLU A 524 25.83 15.30 10.26
N THR A 525 24.75 15.31 9.47
CA THR A 525 24.82 14.73 8.13
C THR A 525 25.68 15.58 7.20
N VAL A 526 25.62 16.91 7.34
CA VAL A 526 26.45 17.74 6.47
C VAL A 526 27.92 17.56 6.82
N ARG A 527 28.24 17.42 8.11
CA ARG A 527 29.62 17.17 8.50
C ARG A 527 30.11 15.82 7.98
N SER A 528 29.27 14.79 8.11
CA SER A 528 29.68 13.45 7.68
C SER A 528 29.87 13.39 6.17
N ILE A 529 28.99 14.05 5.41
CA ILE A 529 29.13 14.00 3.96
C ILE A 529 30.28 14.89 3.49
N LEU A 530 30.62 15.93 4.25
CA LEU A 530 31.75 16.76 3.86
C LEU A 530 33.09 16.10 4.19
N LYS A 531 33.13 15.28 5.24
CA LYS A 531 34.39 14.64 5.61
C LYS A 531 34.80 13.59 4.58
N ILE A 532 33.84 12.85 4.03
CA ILE A 532 34.15 11.80 3.08
C ILE A 532 34.70 12.41 1.79
N ASP A 533 35.68 11.75 1.19
CA ASP A 533 36.28 12.22 -0.05
C ASP A 533 35.28 12.21 -1.19
N GLU B 66 -31.13 -39.96 17.24
CA GLU B 66 -30.69 -38.65 16.74
C GLU B 66 -29.25 -38.72 16.22
N ASP B 67 -28.34 -39.20 17.07
CA ASP B 67 -26.92 -39.19 16.72
C ASP B 67 -26.65 -40.00 15.46
N GLU B 68 -27.30 -41.16 15.30
CA GLU B 68 -27.15 -41.95 14.09
C GLU B 68 -27.50 -41.10 12.88
N ARG B 69 -28.76 -40.66 12.80
CA ARG B 69 -29.16 -39.75 11.74
C ARG B 69 -28.24 -38.55 11.67
N ALA B 70 -27.87 -37.99 12.83
CA ALA B 70 -26.93 -36.87 12.85
C ALA B 70 -25.60 -37.28 12.24
N ILE B 71 -24.94 -38.26 12.84
CA ILE B 71 -23.63 -38.68 12.35
C ILE B 71 -23.74 -39.17 10.91
N GLU B 72 -24.63 -40.12 10.66
CA GLU B 72 -24.61 -40.86 9.41
C GLU B 72 -24.90 -40.01 8.19
N MET B 73 -25.28 -38.74 8.36
CA MET B 73 -25.25 -37.83 7.23
C MET B 73 -23.82 -37.58 6.73
N TYR B 74 -22.82 -38.01 7.51
CA TYR B 74 -21.43 -37.90 7.07
C TYR B 74 -21.23 -38.52 5.69
N ARG B 75 -21.43 -39.83 5.59
CA ARG B 75 -21.38 -40.49 4.29
C ARG B 75 -22.40 -39.89 3.33
N ARG B 76 -23.48 -39.32 3.85
CA ARG B 76 -24.41 -38.60 2.99
C ARG B 76 -23.80 -37.29 2.50
N ARG B 77 -22.86 -36.72 3.25
CA ARG B 77 -22.20 -35.49 2.84
C ARG B 77 -20.80 -35.75 2.29
N ARG B 78 -19.93 -36.38 3.07
CA ARG B 78 -18.65 -36.80 2.52
C ARG B 78 -18.86 -37.89 1.48
N LEU B 79 -17.97 -37.91 0.49
CA LEU B 79 -18.06 -38.80 -0.67
C LEU B 79 -19.24 -38.43 -1.56
N ALA B 80 -20.03 -37.44 -1.16
CA ALA B 80 -21.15 -36.95 -1.97
C ALA B 80 -20.78 -35.66 -2.69
N GLU B 81 -20.39 -34.63 -1.93
CA GLU B 81 -19.65 -33.53 -2.53
C GLU B 81 -18.40 -34.06 -3.20
N TRP B 82 -17.77 -35.07 -2.60
CA TRP B 82 -16.65 -35.75 -3.20
C TRP B 82 -17.06 -36.70 -4.32
N LYS B 83 -18.34 -37.04 -4.43
CA LYS B 83 -18.80 -37.76 -5.62
C LYS B 83 -18.68 -36.90 -6.86
N ALA B 84 -18.80 -35.58 -6.71
CA ALA B 84 -18.74 -34.63 -7.80
C ALA B 84 -17.32 -34.18 -8.13
N THR B 85 -16.30 -34.94 -7.76
CA THR B 85 -14.92 -34.51 -7.98
C THR B 85 -14.33 -35.05 -9.28
N LYS B 86 -15.15 -35.65 -10.14
CA LYS B 86 -14.70 -36.16 -11.44
C LYS B 86 -15.25 -35.26 -12.53
N LEU B 87 -14.35 -34.61 -13.27
CA LEU B 87 -14.74 -33.55 -14.21
C LEU B 87 -14.06 -33.76 -15.57
N LYS B 88 -14.62 -33.07 -16.57
CA LYS B 88 -14.12 -33.09 -17.95
C LYS B 88 -14.74 -31.89 -18.67
N ASN B 89 -14.10 -31.46 -19.75
CA ASN B 89 -14.40 -30.15 -20.32
C ASN B 89 -14.53 -30.22 -21.84
N LYS B 90 -15.15 -29.17 -22.37
CA LYS B 90 -15.10 -28.80 -23.79
C LYS B 90 -14.61 -27.36 -23.85
N PHE B 91 -14.59 -26.76 -25.05
CA PHE B 91 -14.02 -25.38 -25.16
C PHE B 91 -15.06 -24.35 -25.67
N GLY B 92 -14.78 -23.08 -25.38
CA GLY B 92 -15.64 -21.95 -25.79
C GLY B 92 -14.87 -20.63 -25.80
N GLU B 93 -15.42 -19.61 -26.39
CA GLU B 93 -14.89 -18.22 -26.53
C GLU B 93 -13.50 -18.19 -27.19
N VAL B 94 -12.67 -17.24 -26.84
CA VAL B 94 -11.32 -17.02 -27.45
C VAL B 94 -10.35 -16.58 -26.34
N LEU B 95 -9.13 -17.13 -26.34
CA LEU B 95 -8.12 -16.81 -25.29
C LEU B 95 -6.92 -16.07 -25.91
N GLU B 96 -6.48 -14.99 -25.26
CA GLU B 96 -5.32 -14.17 -25.70
C GLU B 96 -4.04 -15.00 -25.47
N ILE B 97 -3.18 -15.12 -26.48
CA ILE B 97 -2.01 -15.98 -26.31
C ILE B 97 -0.82 -15.34 -27.03
N SER B 98 0.27 -15.16 -26.30
CA SER B 98 1.50 -14.65 -26.91
C SER B 98 2.30 -15.82 -27.48
N GLY B 99 3.56 -15.58 -27.84
CA GLY B 99 4.33 -16.61 -28.51
C GLY B 99 4.86 -17.73 -27.65
N LYS B 100 4.57 -17.73 -26.35
CA LYS B 100 5.23 -18.66 -25.44
C LYS B 100 4.73 -20.09 -25.54
N ASP B 101 3.68 -20.35 -26.32
CA ASP B 101 3.14 -21.69 -26.49
C ASP B 101 3.16 -22.16 -27.93
N TYR B 102 3.45 -21.28 -28.88
CA TYR B 102 3.36 -21.60 -30.29
C TYR B 102 4.33 -22.72 -30.68
N VAL B 103 5.51 -22.77 -30.04
CA VAL B 103 6.58 -23.62 -30.53
C VAL B 103 6.16 -25.07 -30.55
N GLN B 104 5.78 -25.61 -29.40
CA GLN B 104 5.30 -26.99 -29.28
C GLN B 104 3.83 -27.14 -29.65
N GLU B 105 3.25 -26.14 -30.33
CA GLU B 105 1.81 -26.15 -30.57
C GLU B 105 1.37 -27.21 -31.57
N VAL B 106 2.27 -27.65 -32.46
CA VAL B 106 1.91 -28.74 -33.34
C VAL B 106 1.67 -30.02 -32.53
N THR B 107 2.31 -30.13 -31.36
CA THR B 107 2.12 -31.24 -30.45
C THR B 107 1.15 -30.93 -29.31
N LYS B 108 0.88 -29.66 -29.05
CA LYS B 108 -0.10 -29.22 -28.07
C LYS B 108 -1.52 -29.23 -28.63
N ALA B 109 -1.68 -29.64 -29.89
CA ALA B 109 -2.98 -29.53 -30.55
C ALA B 109 -4.05 -30.44 -29.94
N GLY B 110 -3.67 -31.49 -29.23
CA GLY B 110 -4.67 -32.45 -28.79
C GLY B 110 -4.97 -33.46 -29.89
N GLU B 111 -6.23 -33.90 -29.93
CA GLU B 111 -6.69 -34.86 -30.92
C GLU B 111 -7.85 -34.26 -31.71
N GLY B 112 -7.64 -34.03 -33.01
CA GLY B 112 -8.70 -33.54 -33.87
C GLY B 112 -9.16 -32.14 -33.56
N LEU B 113 -8.42 -31.39 -32.75
CA LEU B 113 -8.82 -30.06 -32.32
C LEU B 113 -8.37 -29.04 -33.36
N TRP B 114 -9.26 -28.72 -34.29
CA TRP B 114 -8.95 -27.70 -35.29
C TRP B 114 -8.70 -26.37 -34.61
N VAL B 115 -7.52 -25.79 -34.87
CA VAL B 115 -7.13 -24.52 -34.27
C VAL B 115 -7.04 -23.49 -35.38
N ILE B 116 -7.05 -22.22 -34.98
CA ILE B 116 -6.97 -21.11 -35.91
C ILE B 116 -6.03 -20.07 -35.32
N LEU B 117 -5.37 -19.33 -36.18
CA LEU B 117 -4.39 -18.36 -35.74
C LEU B 117 -4.81 -16.95 -36.14
N HIS B 118 -3.90 -16.01 -35.98
CA HIS B 118 -4.06 -14.67 -36.49
C HIS B 118 -2.69 -14.01 -36.47
N LEU B 119 -2.65 -12.74 -36.85
CA LEU B 119 -1.46 -11.92 -36.68
C LEU B 119 -1.90 -10.47 -36.66
N TYR B 120 -1.36 -9.71 -35.73
CA TYR B 120 -1.88 -8.40 -35.37
C TYR B 120 -0.91 -7.30 -35.78
N LYS B 121 -1.46 -6.16 -36.14
CA LYS B 121 -0.70 -4.92 -36.27
C LYS B 121 -1.58 -3.82 -35.70
N GLN B 122 -1.04 -2.63 -35.52
CA GLN B 122 -1.84 -1.53 -34.99
C GLN B 122 -1.80 -0.33 -35.91
N GLY B 123 -2.98 0.17 -36.27
CA GLY B 123 -3.11 1.30 -37.16
C GLY B 123 -3.83 0.99 -38.46
N ILE B 124 -4.27 -0.23 -38.69
CA ILE B 124 -4.83 -0.64 -39.97
C ILE B 124 -6.34 -0.75 -39.82
N PRO B 125 -7.11 0.00 -40.61
CA PRO B 125 -8.58 -0.06 -40.47
C PRO B 125 -9.15 -1.46 -40.61
N LEU B 126 -8.59 -2.27 -41.50
CA LEU B 126 -9.07 -3.63 -41.69
C LEU B 126 -8.69 -4.57 -40.55
N CYS B 127 -7.51 -4.40 -39.96
CA CYS B 127 -7.00 -5.41 -39.05
C CYS B 127 -7.83 -5.48 -37.78
N ALA B 128 -8.44 -4.36 -37.39
CA ALA B 128 -9.33 -4.39 -36.23
C ALA B 128 -10.62 -5.14 -36.55
N LEU B 129 -11.17 -4.95 -37.75
CA LEU B 129 -12.43 -5.58 -38.11
C LEU B 129 -12.37 -7.09 -37.90
N ILE B 130 -11.50 -7.76 -38.66
CA ILE B 130 -11.46 -9.22 -38.67
C ILE B 130 -11.33 -9.78 -37.26
N ASN B 131 -10.69 -9.03 -36.36
CA ASN B 131 -10.52 -9.50 -35.00
C ASN B 131 -11.84 -9.57 -34.25
N GLN B 132 -12.90 -8.97 -34.78
CA GLN B 132 -14.22 -9.12 -34.18
C GLN B 132 -14.98 -10.31 -34.74
N HIS B 133 -14.89 -10.54 -36.05
CA HIS B 133 -15.65 -11.61 -36.67
C HIS B 133 -15.30 -12.97 -36.07
N LEU B 134 -14.02 -13.22 -35.78
CA LEU B 134 -13.64 -14.49 -35.18
C LEU B 134 -14.37 -14.72 -33.86
N SER B 135 -14.15 -13.83 -32.90
CA SER B 135 -14.71 -14.04 -31.57
C SER B 135 -16.22 -14.23 -31.63
N GLY B 136 -16.89 -13.64 -32.60
CA GLY B 136 -18.30 -13.93 -32.80
C GLY B 136 -18.53 -15.36 -33.26
N LEU B 137 -17.78 -15.80 -34.27
CA LEU B 137 -17.97 -17.15 -34.81
C LEU B 137 -17.79 -18.20 -33.73
N ALA B 138 -16.80 -18.01 -32.85
CA ALA B 138 -16.52 -18.97 -31.81
C ALA B 138 -17.76 -19.33 -31.01
N ARG B 139 -18.66 -18.35 -30.78
CA ARG B 139 -19.89 -18.63 -30.06
C ARG B 139 -20.75 -19.64 -30.82
N LYS B 140 -20.68 -19.60 -32.16
CA LYS B 140 -21.40 -20.59 -32.95
C LYS B 140 -20.79 -21.98 -32.77
N PHE B 141 -19.51 -22.14 -33.06
CA PHE B 141 -18.87 -23.45 -33.05
C PHE B 141 -17.99 -23.60 -31.82
N PRO B 142 -18.37 -24.44 -30.86
CA PRO B 142 -17.63 -24.53 -29.60
C PRO B 142 -16.36 -25.37 -29.65
N ASP B 143 -16.36 -26.44 -30.44
CA ASP B 143 -15.23 -27.37 -30.43
C ASP B 143 -13.95 -26.69 -30.88
N VAL B 144 -14.00 -25.96 -31.98
CA VAL B 144 -12.84 -25.21 -32.43
C VAL B 144 -12.42 -24.20 -31.36
N LYS B 145 -11.15 -23.82 -31.41
CA LYS B 145 -10.63 -22.79 -30.53
C LYS B 145 -9.86 -21.78 -31.36
N PHE B 146 -9.37 -20.71 -30.73
CA PHE B 146 -8.83 -19.60 -31.50
C PHE B 146 -7.69 -18.94 -30.75
N ILE B 147 -7.02 -18.01 -31.44
CA ILE B 147 -5.83 -17.33 -30.92
C ILE B 147 -5.77 -15.95 -31.55
N LYS B 148 -5.40 -14.96 -30.72
CA LYS B 148 -5.14 -13.55 -31.14
C LYS B 148 -3.65 -13.31 -30.85
N ALA B 149 -2.85 -12.94 -31.85
CA ALA B 149 -1.39 -12.79 -31.64
C ALA B 149 -0.84 -11.45 -32.18
N ILE B 150 0.34 -11.06 -31.71
CA ILE B 150 1.03 -9.80 -32.11
C ILE B 150 2.31 -10.15 -32.90
N SER B 151 2.47 -9.59 -34.10
CA SER B 151 3.58 -9.94 -35.02
C SER B 151 4.99 -9.62 -34.49
N THR B 152 5.10 -8.79 -33.46
CA THR B 152 6.45 -8.50 -32.90
C THR B 152 7.08 -9.80 -32.37
N THR B 153 6.24 -10.73 -31.89
CA THR B 153 6.67 -12.04 -31.32
C THR B 153 7.35 -12.93 -32.37
N CYS B 154 6.80 -12.99 -33.59
CA CYS B 154 7.29 -13.83 -34.71
C CYS B 154 8.37 -13.10 -35.53
N ILE B 155 8.77 -13.69 -36.67
CA ILE B 155 9.77 -13.14 -37.65
C ILE B 155 9.51 -11.64 -37.76
N PRO B 156 10.60 -10.66 -37.45
CA PRO B 156 10.72 -9.20 -37.25
C PRO B 156 10.37 -8.22 -38.38
N ASN B 157 10.78 -8.49 -39.63
CA ASN B 157 10.57 -7.52 -40.74
C ASN B 157 9.59 -8.03 -41.80
N TYR B 158 8.92 -9.16 -41.57
CA TYR B 158 7.99 -9.69 -42.62
C TYR B 158 6.63 -9.00 -42.54
N PRO B 159 5.84 -9.09 -41.27
CA PRO B 159 4.56 -8.68 -40.70
C PRO B 159 4.17 -7.22 -40.99
N ASP B 160 5.18 -6.35 -41.05
CA ASP B 160 4.99 -4.92 -41.43
C ASP B 160 4.54 -4.84 -42.88
N ARG B 161 5.22 -5.51 -43.80
CA ARG B 161 4.64 -5.32 -45.19
C ARG B 161 3.47 -6.26 -45.49
N ASN B 162 3.39 -7.30 -44.68
CA ASN B 162 2.20 -8.16 -44.93
C ASN B 162 0.98 -7.75 -44.10
N LEU B 163 -0.10 -8.50 -44.31
CA LEU B 163 -1.46 -8.38 -43.71
C LEU B 163 -1.77 -9.67 -42.95
N PRO B 164 -2.81 -9.73 -42.09
CA PRO B 164 -3.13 -10.93 -41.31
C PRO B 164 -3.20 -12.23 -42.12
N THR B 165 -2.47 -13.26 -41.69
CA THR B 165 -2.48 -14.60 -42.35
C THR B 165 -2.71 -15.69 -41.30
N ILE B 166 -3.94 -16.18 -41.20
CA ILE B 166 -4.29 -17.25 -40.21
C ILE B 166 -3.82 -18.60 -40.77
N PHE B 167 -2.87 -19.26 -40.09
CA PHE B 167 -2.35 -20.57 -40.54
C PHE B 167 -3.05 -21.68 -39.77
N VAL B 168 -4.20 -22.14 -40.28
CA VAL B 168 -4.97 -23.21 -39.64
C VAL B 168 -4.08 -24.43 -39.47
N TYR B 169 -4.08 -25.00 -38.26
CA TYR B 169 -3.25 -26.16 -37.90
C TYR B 169 -4.15 -27.31 -37.47
N LEU B 170 -4.27 -28.34 -38.28
CA LEU B 170 -4.91 -29.58 -37.85
C LEU B 170 -3.87 -30.52 -37.26
N GLU B 171 -3.25 -30.07 -36.17
CA GLU B 171 -2.21 -30.83 -35.47
C GLU B 171 -1.06 -31.20 -36.41
N GLY B 172 -0.76 -30.31 -37.35
CA GLY B 172 0.22 -30.65 -38.36
C GLY B 172 0.70 -29.48 -39.17
N ASP B 173 0.86 -29.67 -40.47
CA ASP B 173 1.40 -28.63 -41.33
C ASP B 173 0.31 -27.64 -41.72
N ILE B 174 0.73 -26.40 -41.91
CA ILE B 174 -0.18 -25.35 -42.32
C ILE B 174 -0.95 -25.80 -43.55
N LYS B 175 -2.22 -25.42 -43.61
CA LYS B 175 -3.10 -25.89 -44.67
C LYS B 175 -3.72 -24.79 -45.52
N ALA B 176 -3.70 -23.55 -45.06
CA ALA B 176 -4.32 -22.47 -45.83
C ALA B 176 -3.79 -21.14 -45.32
N GLN B 177 -2.94 -20.48 -46.12
CA GLN B 177 -2.11 -19.37 -45.67
C GLN B 177 -2.43 -18.11 -46.47
N PHE B 178 -3.27 -17.25 -45.91
CA PHE B 178 -3.95 -16.21 -46.68
C PHE B 178 -3.24 -14.88 -46.42
N ILE B 179 -2.26 -14.56 -47.24
CA ILE B 179 -1.43 -13.40 -46.96
C ILE B 179 -1.91 -12.21 -47.76
N GLY B 180 -1.58 -11.01 -47.28
CA GLY B 180 -1.87 -9.79 -47.98
C GLY B 180 -3.34 -9.42 -47.96
N PRO B 181 -3.64 -8.15 -48.14
CA PRO B 181 -5.03 -7.69 -48.13
C PRO B 181 -5.87 -8.26 -49.25
N LEU B 182 -5.43 -8.10 -50.49
CA LEU B 182 -6.23 -8.40 -51.68
C LEU B 182 -7.06 -9.67 -51.54
N VAL B 183 -6.43 -10.77 -51.11
CA VAL B 183 -7.14 -12.04 -51.09
C VAL B 183 -8.36 -12.00 -50.19
N PHE B 184 -8.37 -11.13 -49.18
CA PHE B 184 -9.52 -11.04 -48.30
C PHE B 184 -10.72 -10.38 -48.98
N GLY B 185 -10.48 -9.33 -49.74
CA GLY B 185 -11.56 -8.61 -50.37
C GLY B 185 -11.45 -7.11 -50.13
N GLY B 186 -11.05 -6.70 -48.93
CA GLY B 186 -10.87 -5.30 -48.66
C GLY B 186 -12.04 -4.60 -47.99
N MET B 187 -12.48 -5.11 -46.85
CA MET B 187 -13.52 -4.54 -46.00
C MET B 187 -14.91 -4.70 -46.59
N ASN B 188 -15.04 -5.46 -47.68
CA ASN B 188 -16.33 -5.95 -48.11
C ASN B 188 -16.68 -7.27 -47.41
N LEU B 189 -16.10 -7.51 -46.25
CA LEU B 189 -16.25 -8.77 -45.54
C LEU B 189 -17.47 -8.74 -44.63
N THR B 190 -18.24 -9.81 -44.65
CA THR B 190 -19.24 -10.09 -43.63
C THR B 190 -19.18 -11.57 -43.33
N ARG B 191 -19.91 -11.99 -42.31
CA ARG B 191 -19.87 -13.35 -41.80
C ARG B 191 -19.83 -14.37 -42.94
N ASP B 192 -20.64 -14.14 -43.97
CA ASP B 192 -20.72 -15.10 -45.08
C ASP B 192 -19.39 -15.23 -45.80
N GLU B 193 -18.79 -14.11 -46.20
CA GLU B 193 -17.53 -14.18 -46.93
C GLU B 193 -16.39 -14.73 -46.07
N LEU B 194 -16.58 -14.81 -44.75
CA LEU B 194 -15.58 -15.41 -43.89
C LEU B 194 -15.98 -16.80 -43.42
N GLU B 195 -17.13 -17.32 -43.83
CA GLU B 195 -17.44 -18.69 -43.47
C GLU B 195 -17.34 -19.65 -44.64
N TRP B 196 -17.84 -19.31 -45.82
CA TRP B 196 -17.73 -20.25 -46.92
C TRP B 196 -16.29 -20.41 -47.35
N LYS B 197 -15.49 -19.36 -47.19
CA LYS B 197 -14.07 -19.47 -47.45
C LYS B 197 -13.38 -20.43 -46.50
N LEU B 198 -14.09 -20.93 -45.48
CA LEU B 198 -13.47 -21.88 -44.55
C LEU B 198 -13.67 -23.31 -45.05
N SER B 199 -14.92 -23.77 -45.11
CA SER B 199 -15.29 -24.95 -45.88
C SER B 199 -14.56 -26.22 -45.47
N GLU B 200 -13.70 -26.14 -44.47
CA GLU B 200 -12.81 -27.24 -44.12
C GLU B 200 -12.93 -27.70 -42.68
N SER B 201 -13.42 -26.87 -41.77
CA SER B 201 -13.68 -27.23 -40.38
C SER B 201 -15.19 -27.25 -40.16
N GLY B 202 -15.69 -28.36 -39.65
CA GLY B 202 -17.12 -28.53 -39.58
C GLY B 202 -17.68 -28.84 -40.93
N ALA B 203 -18.93 -29.29 -40.98
CA ALA B 203 -19.54 -29.72 -42.24
C ALA B 203 -20.97 -29.21 -42.32
N ILE B 204 -21.17 -27.94 -41.97
CA ILE B 204 -22.48 -27.30 -42.03
C ILE B 204 -22.54 -26.21 -43.10
N MET B 205 -21.76 -25.14 -42.91
CA MET B 205 -21.61 -24.06 -43.89
C MET B 205 -22.95 -23.48 -44.33
N THR B 206 -23.97 -23.59 -43.49
CA THR B 206 -25.29 -23.02 -43.76
C THR B 206 -25.91 -23.54 -45.04
N ASP B 207 -25.39 -24.67 -45.54
CA ASP B 207 -25.83 -25.29 -46.77
C ASP B 207 -26.08 -24.25 -47.87
N LEU B 208 -25.05 -23.48 -48.15
CA LEU B 208 -25.02 -22.59 -49.31
C LEU B 208 -24.22 -23.26 -50.40
N GLU B 209 -24.83 -23.39 -51.58
CA GLU B 209 -24.10 -23.94 -52.71
C GLU B 209 -22.92 -23.04 -53.07
N GLU B 210 -23.20 -21.81 -53.48
CA GLU B 210 -22.15 -20.85 -53.80
C GLU B 210 -22.63 -19.43 -53.52
N ASN B 211 -21.69 -18.54 -53.22
CA ASN B 211 -22.00 -17.16 -52.87
C ASN B 211 -20.79 -16.25 -53.04
N PRO B 212 -20.41 -15.90 -54.27
CA PRO B 212 -19.26 -15.00 -54.48
C PRO B 212 -19.62 -13.53 -54.58
N LYS B 213 -20.86 -13.18 -54.25
CA LYS B 213 -21.48 -11.90 -54.56
C LYS B 213 -21.81 -11.86 -56.04
N LYS B 214 -21.43 -12.90 -56.78
CA LYS B 214 -21.57 -12.93 -58.24
C LYS B 214 -20.71 -11.85 -58.89
N PRO B 215 -19.38 -11.95 -58.86
CA PRO B 215 -18.52 -10.79 -59.10
C PRO B 215 -19.00 -9.99 -60.27
N ILE B 216 -19.32 -8.72 -60.01
CA ILE B 216 -20.03 -7.88 -60.97
C ILE B 216 -19.36 -7.98 -62.33
N GLU B 217 -20.16 -8.03 -63.39
CA GLU B 217 -19.78 -8.60 -64.67
C GLU B 217 -19.21 -7.54 -65.63
N ASP B 218 -18.62 -8.03 -66.71
CA ASP B 218 -18.29 -7.23 -67.89
C ASP B 218 -19.36 -7.45 -68.94
N VAL B 219 -19.84 -6.35 -69.54
CA VAL B 219 -21.04 -6.41 -70.36
C VAL B 219 -20.82 -7.01 -71.76
N LEU B 220 -19.57 -7.08 -72.22
CA LEU B 220 -19.34 -7.45 -73.61
C LEU B 220 -19.40 -8.97 -73.83
N LEU B 221 -18.85 -9.75 -72.90
CA LEU B 221 -18.68 -11.18 -73.14
C LEU B 221 -20.01 -11.90 -73.23
N SER B 222 -20.91 -11.64 -72.28
CA SER B 222 -22.18 -12.36 -72.22
C SER B 222 -23.10 -12.09 -73.41
N SER B 223 -22.78 -11.10 -74.24
CA SER B 223 -23.65 -10.75 -75.37
C SER B 223 -23.67 -11.87 -76.40
N VAL B 224 -22.50 -12.31 -76.87
CA VAL B 224 -22.44 -13.34 -77.89
C VAL B 224 -22.98 -14.66 -77.36
N ARG B 225 -22.90 -14.88 -76.05
CA ARG B 225 -23.35 -16.14 -75.48
C ARG B 225 -24.85 -16.34 -75.65
N ARG B 226 -25.64 -15.35 -75.24
CA ARG B 226 -27.09 -15.47 -75.31
C ARG B 226 -27.58 -15.71 -76.73
N SER B 227 -26.84 -15.19 -77.71
CA SER B 227 -27.25 -15.37 -79.11
C SER B 227 -27.07 -16.81 -79.56
N VAL B 228 -25.92 -17.42 -79.23
CA VAL B 228 -25.63 -18.76 -79.75
C VAL B 228 -26.31 -19.87 -78.96
N LEU B 229 -26.83 -19.58 -77.77
CA LEU B 229 -27.50 -20.61 -76.98
C LEU B 229 -29.02 -20.60 -77.16
N MET B 230 -29.63 -19.42 -77.24
CA MET B 230 -31.08 -19.35 -77.39
C MET B 230 -31.54 -19.60 -78.82
N LYS B 231 -30.68 -19.33 -79.80
CA LYS B 231 -31.02 -19.45 -81.21
C LYS B 231 -30.15 -20.51 -81.89
N ARG B 232 -29.90 -21.61 -81.19
CA ARG B 232 -29.10 -22.70 -81.74
C ARG B 232 -29.99 -23.77 -82.36
#